data_8EI6
#
_entry.id   8EI6
#
_cell.length_a   67.620
_cell.length_b   71.320
_cell.length_c   211.570
_cell.angle_alpha   90.000
_cell.angle_beta   90.000
_cell.angle_gamma   90.000
#
_symmetry.space_group_name_H-M   'P 21 21 21'
#
loop_
_entity.id
_entity.type
_entity.pdbx_description
1 polymer 'NEDD4-like E3 ubiquitin-protein ligase WWP2'
2 polymer H305
3 non-polymer "N,N'-(1,4-phenylene)diacetamide"
#
loop_
_entity_poly.entity_id
_entity_poly.type
_entity_poly.pdbx_seq_one_letter_code
_entity_poly.pdbx_strand_id
1 'polypeptide(L)'
;GPDRSFRWKYHQFRFLCHSNALPSHVKISVSRQTLFEDSFQQIMNMKPYDLRRRLYIIMRGEEGLDYGGIAREWFFLLSH
EVLNPMYCLFEYAGKNNYCLQINPASSINPDHLTYFRFIGRFIAMALYHGKFIDTGFTLPFYKRMLNKRPTLKDLESIDP
EFYNSIVWIKENNLEECGLELYFIQDMEILGKVTTHELKEGGESIRVTEENKEEYIMLLTDWRFTRGVEEQTKAFLDGFN
EVAPLEWLRYFDEKELELMLCGMQEIDMSDWQKSTIYRHYTKNSKQIQWFWQVVKEMDNEKRIRLLQFVTGTCRLPVGGF
AELIGSNGPQKFCIDKVGKETWLPRSHTCFNRLDLPPYKSYEQLREKLLYAIEETE
;
A,B
2 'polypeptide(L)' (ACE)DPATIMCRAAADTCTFF(NH2) C,D
#
loop_
_chem_comp.id
_chem_comp.type
_chem_comp.name
_chem_comp.formula
ACE non-polymer 'ACETYL GROUP' 'C2 H4 O'
NH2 non-polymer 'AMINO GROUP' 'H2 N'
WHL non-polymer N,N'-(1,4-phenylene)diacetamide 'C10 H12 N2 O2'
#
# COMPACT_ATOMS: atom_id res chain seq x y z
N ASP A 3 18.12 15.89 4.70
CA ASP A 3 17.70 17.11 5.39
C ASP A 3 17.09 18.11 4.42
N ARG A 4 15.98 17.73 3.78
CA ARG A 4 15.29 18.60 2.85
C ARG A 4 14.14 19.37 3.52
N SER A 5 13.50 20.21 2.72
CA SER A 5 12.39 21.07 3.12
C SER A 5 11.10 20.29 3.26
N PHE A 6 10.17 20.88 4.01
CA PHE A 6 8.80 20.35 4.08
C PHE A 6 8.23 20.15 2.68
N ARG A 7 8.48 21.12 1.78
CA ARG A 7 8.09 21.03 0.38
C ARG A 7 8.46 19.69 -0.26
N TRP A 8 9.73 19.27 -0.14
CA TRP A 8 10.17 18.01 -0.71
C TRP A 8 9.50 16.82 -0.03
N LYS A 9 9.44 16.85 1.30
CA LYS A 9 8.84 15.76 2.05
C LYS A 9 7.39 15.48 1.62
N TYR A 10 6.63 16.51 1.21
CA TYR A 10 5.27 16.22 0.75
C TYR A 10 5.24 15.41 -0.54
N HIS A 11 5.90 15.88 -1.61
CA HIS A 11 5.73 15.13 -2.86
C HIS A 11 6.42 13.78 -2.79
N GLN A 12 7.44 13.65 -1.94
CA GLN A 12 8.00 12.32 -1.74
C GLN A 12 7.08 11.45 -0.89
N PHE A 13 6.35 12.04 0.06
CA PHE A 13 5.31 11.30 0.77
C PHE A 13 4.04 11.16 -0.05
N ARG A 14 3.66 12.22 -0.77
CA ARG A 14 2.44 12.19 -1.55
C ARG A 14 2.58 11.19 -2.69
N PHE A 15 3.76 11.13 -3.30
CA PHE A 15 4.10 10.04 -4.21
C PHE A 15 3.97 8.68 -3.55
N LEU A 16 4.33 8.59 -2.27
CA LEU A 16 4.30 7.31 -1.60
C LEU A 16 2.88 6.81 -1.43
N CYS A 17 1.91 7.72 -1.29
CA CYS A 17 0.51 7.33 -1.26
C CYS A 17 0.05 6.85 -2.65
N HIS A 18 0.29 7.68 -3.68
CA HIS A 18 -0.17 7.35 -5.02
C HIS A 18 0.40 6.03 -5.52
N SER A 19 1.67 5.74 -5.20
CA SER A 19 2.32 4.51 -5.63
C SER A 19 1.67 3.28 -5.01
N ASN A 20 0.65 3.50 -4.18
CA ASN A 20 -0.09 2.41 -3.57
C ASN A 20 -1.59 2.59 -3.74
N ALA A 21 -2.03 3.64 -4.44
CA ALA A 21 -3.45 3.88 -4.67
C ALA A 21 -4.03 2.83 -5.62
N LEU A 22 -5.20 2.33 -5.27
CA LEU A 22 -5.90 1.32 -6.05
C LEU A 22 -6.97 1.98 -6.95
N PRO A 23 -7.29 1.34 -8.08
CA PRO A 23 -8.28 1.95 -8.97
C PRO A 23 -9.70 1.86 -8.41
N SER A 24 -10.69 2.01 -9.28
CA SER A 24 -12.11 1.78 -8.98
C SER A 24 -12.54 2.84 -7.95
N HIS A 25 -13.54 2.52 -7.13
CA HIS A 25 -14.04 3.40 -6.10
C HIS A 25 -14.64 2.55 -4.98
N VAL A 26 -14.96 3.20 -3.85
CA VAL A 26 -15.63 2.56 -2.73
C VAL A 26 -16.78 3.47 -2.28
N LYS A 27 -17.96 2.89 -2.13
CA LYS A 27 -19.15 3.65 -1.77
C LYS A 27 -19.34 3.64 -0.27
N ILE A 28 -19.72 4.79 0.28
CA ILE A 28 -19.96 4.95 1.72
C ILE A 28 -21.34 5.57 1.86
N SER A 29 -22.32 4.76 2.26
CA SER A 29 -23.70 5.21 2.42
C SER A 29 -23.96 5.52 3.89
N VAL A 30 -24.27 6.77 4.18
CA VAL A 30 -24.46 7.26 5.54
C VAL A 30 -25.58 8.29 5.57
N SER A 31 -26.26 8.37 6.69
CA SER A 31 -27.14 9.50 6.95
C SER A 31 -26.47 10.41 7.96
N ARG A 32 -26.62 11.72 7.76
CA ARG A 32 -25.90 12.63 8.64
C ARG A 32 -26.39 12.51 10.08
N GLN A 33 -27.58 11.95 10.30
CA GLN A 33 -28.00 11.65 11.66
C GLN A 33 -27.22 10.51 12.28
N THR A 34 -27.23 9.35 11.62
CA THR A 34 -26.48 8.18 12.04
C THR A 34 -25.05 8.17 11.52
N LEU A 35 -24.51 9.37 11.26
CA LEU A 35 -23.17 9.57 10.75
C LEU A 35 -22.10 8.69 11.40
N PHE A 36 -21.92 8.84 12.72
CA PHE A 36 -20.90 8.06 13.41
C PHE A 36 -21.15 6.57 13.30
N GLU A 37 -22.32 6.12 13.77
CA GLU A 37 -22.57 4.68 13.84
C GLU A 37 -22.65 4.06 12.44
N ASP A 38 -23.02 4.84 11.42
CA ASP A 38 -22.94 4.35 10.06
C ASP A 38 -21.48 4.21 9.63
N SER A 39 -20.74 5.32 9.65
CA SER A 39 -19.36 5.31 9.17
C SER A 39 -18.50 4.30 9.93
N PHE A 40 -18.70 4.19 11.25
CA PHE A 40 -17.99 3.19 12.04
C PHE A 40 -18.24 1.79 11.48
N GLN A 41 -19.51 1.36 11.48
CA GLN A 41 -19.84 0.02 11.02
C GLN A 41 -19.44 -0.17 9.56
N GLN A 42 -19.53 0.88 8.75
CA GLN A 42 -19.03 0.89 7.38
C GLN A 42 -17.57 0.44 7.29
N ILE A 43 -16.69 1.29 7.82
CA ILE A 43 -15.25 1.14 7.58
C ILE A 43 -14.68 -0.06 8.31
N MET A 44 -15.09 -0.26 9.57
CA MET A 44 -14.51 -1.34 10.37
C MET A 44 -14.84 -2.71 9.79
N ASN A 45 -15.96 -2.84 9.07
CA ASN A 45 -16.28 -4.10 8.41
C ASN A 45 -15.57 -4.24 7.07
N MET A 46 -14.90 -3.19 6.59
CA MET A 46 -14.24 -3.17 5.31
C MET A 46 -12.77 -3.57 5.44
N LYS A 47 -12.20 -4.00 4.30
CA LYS A 47 -10.79 -4.31 4.23
C LYS A 47 -9.95 -3.03 4.15
N PRO A 48 -8.73 -3.06 4.72
CA PRO A 48 -7.98 -1.79 4.88
C PRO A 48 -7.69 -1.08 3.58
N TYR A 49 -7.13 -1.79 2.60
CA TYR A 49 -6.59 -1.15 1.40
C TYR A 49 -7.65 -0.73 0.40
N ASP A 50 -8.87 -1.25 0.51
CA ASP A 50 -9.99 -0.68 -0.24
C ASP A 50 -10.16 0.81 0.05
N LEU A 51 -9.72 1.26 1.21
CA LEU A 51 -9.84 2.67 1.59
C LEU A 51 -8.87 3.57 0.82
N ARG A 52 -8.08 3.02 -0.09
CA ARG A 52 -7.23 3.79 -0.99
C ARG A 52 -7.87 4.01 -2.36
N ARG A 53 -9.01 3.40 -2.63
CA ARG A 53 -9.76 3.59 -3.85
C ARG A 53 -10.54 4.90 -3.78
N ARG A 54 -10.97 5.39 -4.95
CA ARG A 54 -11.79 6.60 -5.00
C ARG A 54 -12.91 6.52 -3.97
N LEU A 55 -13.11 7.60 -3.23
CA LEU A 55 -14.09 7.63 -2.16
C LEU A 55 -15.39 8.20 -2.72
N TYR A 56 -16.45 7.40 -2.71
CA TYR A 56 -17.80 7.83 -3.03
C TYR A 56 -18.59 7.79 -1.73
N ILE A 57 -18.96 8.95 -1.22
CA ILE A 57 -19.68 9.05 0.04
C ILE A 57 -21.14 9.30 -0.32
N ILE A 58 -21.94 8.24 -0.27
CA ILE A 58 -23.38 8.35 -0.50
C ILE A 58 -23.99 8.79 0.82
N MET A 59 -24.45 10.02 0.89
CA MET A 59 -25.03 10.52 2.13
C MET A 59 -26.54 10.67 1.99
N ARG A 60 -27.24 9.55 2.23
CA ARG A 60 -28.66 9.31 1.95
C ARG A 60 -29.53 10.57 2.04
N GLY A 61 -30.35 10.79 1.03
CA GLY A 61 -31.12 12.01 0.91
C GLY A 61 -30.22 13.11 0.37
N GLU A 62 -29.77 12.95 -0.88
CA GLU A 62 -28.91 13.92 -1.57
C GLU A 62 -29.39 14.39 -2.93
N GLU A 63 -29.11 15.68 -3.16
CA GLU A 63 -28.97 16.37 -4.43
C GLU A 63 -27.51 16.46 -4.87
N GLY A 64 -26.59 16.37 -3.90
CA GLY A 64 -25.18 16.48 -4.20
C GLY A 64 -24.66 15.45 -5.19
N LEU A 65 -23.77 15.91 -6.06
CA LEU A 65 -23.07 15.06 -7.02
C LEU A 65 -21.59 15.36 -7.12
N ASP A 66 -21.13 16.52 -6.68
CA ASP A 66 -19.70 16.84 -6.57
C ASP A 66 -19.13 16.04 -5.39
N TYR A 67 -18.77 14.78 -5.67
CA TYR A 67 -18.26 13.88 -4.63
C TYR A 67 -17.03 14.43 -3.91
N GLY A 68 -16.38 15.45 -4.49
CA GLY A 68 -15.30 16.12 -3.77
C GLY A 68 -15.83 16.95 -2.60
N GLY A 69 -16.95 17.65 -2.80
CA GLY A 69 -17.49 18.45 -1.73
C GLY A 69 -18.04 17.63 -0.58
N ILE A 70 -18.80 16.57 -0.90
CA ILE A 70 -19.34 15.72 0.16
C ILE A 70 -18.21 15.05 0.94
N ALA A 71 -17.17 14.58 0.25
CA ALA A 71 -16.04 13.96 0.93
C ALA A 71 -15.37 14.93 1.89
N ARG A 72 -14.91 16.07 1.37
CA ARG A 72 -14.28 17.09 2.21
C ARG A 72 -15.21 17.52 3.34
N GLU A 73 -16.50 17.66 3.04
CA GLU A 73 -17.50 17.92 4.07
C GLU A 73 -17.56 16.79 5.08
N TRP A 74 -17.58 15.55 4.58
CA TRP A 74 -17.65 14.37 5.45
C TRP A 74 -16.48 14.32 6.42
N PHE A 75 -15.28 14.69 5.95
CA PHE A 75 -14.12 14.71 6.84
C PHE A 75 -14.30 15.73 7.97
N PHE A 76 -14.63 16.98 7.63
CA PHE A 76 -14.92 17.99 8.65
C PHE A 76 -15.94 17.49 9.66
N LEU A 77 -17.09 17.04 9.17
CA LEU A 77 -18.20 16.70 10.06
C LEU A 77 -17.85 15.51 10.96
N LEU A 78 -17.20 14.49 10.40
CA LEU A 78 -16.86 13.32 11.22
C LEU A 78 -15.75 13.66 12.21
N SER A 79 -14.77 14.48 11.79
CA SER A 79 -13.68 14.87 12.69
C SER A 79 -14.23 15.58 13.93
N HIS A 80 -15.28 16.38 13.77
CA HIS A 80 -15.94 16.99 14.92
C HIS A 80 -16.72 15.95 15.73
N GLU A 81 -17.42 15.05 15.04
CA GLU A 81 -18.43 14.22 15.70
C GLU A 81 -17.80 13.14 16.58
N VAL A 82 -16.60 12.67 16.23
CA VAL A 82 -15.95 11.62 17.03
C VAL A 82 -15.75 12.07 18.48
N LEU A 83 -15.70 13.38 18.72
CA LEU A 83 -15.43 13.93 20.04
C LEU A 83 -16.66 13.90 20.96
N ASN A 84 -17.83 13.54 20.43
CA ASN A 84 -19.09 13.56 21.16
C ASN A 84 -18.91 12.85 22.51
N PRO A 85 -19.13 13.53 23.64
CA PRO A 85 -18.82 12.93 24.95
C PRO A 85 -19.66 11.72 25.31
N MET A 86 -20.80 11.49 24.64
CA MET A 86 -21.54 10.26 24.87
C MET A 86 -20.78 9.04 24.39
N TYR A 87 -19.68 9.24 23.65
CA TYR A 87 -18.76 8.17 23.29
C TYR A 87 -17.65 7.99 24.31
N CYS A 88 -17.46 8.96 25.22
CA CYS A 88 -16.53 8.84 26.33
C CYS A 88 -15.09 8.68 25.86
N LEU A 89 -14.79 9.17 24.66
CA LEU A 89 -13.49 8.92 24.05
C LEU A 89 -12.46 9.99 24.41
N PHE A 90 -12.82 11.27 24.33
CA PHE A 90 -11.88 12.37 24.48
C PHE A 90 -12.26 13.27 25.65
N GLU A 91 -11.31 14.10 26.05
CA GLU A 91 -11.53 15.14 27.06
C GLU A 91 -10.49 16.24 26.83
N TYR A 92 -10.60 17.31 27.60
CA TYR A 92 -9.67 18.44 27.53
C TYR A 92 -9.09 18.74 28.90
N ALA A 93 -7.77 18.98 28.93
CA ALA A 93 -7.07 19.26 30.18
C ALA A 93 -7.40 20.63 30.74
N GLY A 94 -7.83 21.58 29.91
CA GLY A 94 -8.07 22.93 30.36
C GLY A 94 -9.45 23.44 29.96
N LYS A 95 -9.72 24.68 30.34
CA LYS A 95 -10.97 25.33 29.99
C LYS A 95 -11.09 25.50 28.48
N ASN A 96 -12.30 25.82 28.03
CA ASN A 96 -12.55 26.31 26.68
C ASN A 96 -12.08 25.34 25.59
N ASN A 97 -12.03 24.05 25.92
CA ASN A 97 -11.52 23.01 25.02
C ASN A 97 -10.03 23.16 24.76
N TYR A 98 -9.21 23.03 25.81
CA TYR A 98 -7.77 23.17 25.69
C TYR A 98 -7.09 21.80 25.85
N CYS A 99 -6.16 21.50 24.95
CA CYS A 99 -5.38 20.25 24.98
C CYS A 99 -6.24 19.01 24.87
N LEU A 100 -6.69 18.71 23.66
CA LEU A 100 -7.43 17.47 23.40
C LEU A 100 -6.62 16.24 23.77
N GLN A 101 -7.18 15.39 24.62
CA GLN A 101 -6.51 14.17 25.04
C GLN A 101 -7.53 13.06 25.23
N ILE A 102 -7.04 11.83 25.21
CA ILE A 102 -7.89 10.65 25.35
C ILE A 102 -8.48 10.62 26.75
N ASN A 103 -9.76 10.25 26.85
CA ASN A 103 -10.38 10.06 28.15
C ASN A 103 -10.05 8.66 28.65
N PRO A 104 -9.34 8.52 29.78
CA PRO A 104 -8.95 7.19 30.27
C PRO A 104 -10.10 6.28 30.70
N ALA A 105 -11.32 6.80 30.67
CA ALA A 105 -12.50 6.01 31.01
C ALA A 105 -13.19 5.40 29.80
N SER A 106 -12.60 5.55 28.60
CA SER A 106 -13.16 4.92 27.41
C SER A 106 -13.46 3.45 27.64
N SER A 107 -12.70 2.78 28.53
CA SER A 107 -12.98 1.41 28.91
C SER A 107 -14.42 1.19 29.35
N ILE A 108 -15.12 2.26 29.78
CA ILE A 108 -16.53 2.16 30.11
C ILE A 108 -17.31 1.55 28.97
N ASN A 109 -16.87 1.78 27.74
CA ASN A 109 -17.42 1.14 26.55
C ASN A 109 -16.59 -0.11 26.28
N PRO A 110 -17.09 -1.30 26.59
CA PRO A 110 -16.27 -2.51 26.40
C PRO A 110 -15.77 -2.69 24.97
N ASP A 111 -16.31 -1.94 24.02
CA ASP A 111 -15.98 -2.04 22.61
C ASP A 111 -15.17 -0.84 22.13
N HIS A 112 -14.62 -0.06 23.06
CA HIS A 112 -14.04 1.25 22.75
C HIS A 112 -12.77 1.12 21.91
N LEU A 113 -11.91 0.15 22.23
CA LEU A 113 -10.64 0.01 21.51
C LEU A 113 -10.84 -0.04 20.00
N THR A 114 -11.90 -0.73 19.55
CA THR A 114 -12.24 -0.72 18.14
C THR A 114 -12.58 0.69 17.66
N TYR A 115 -13.36 1.43 18.45
CA TYR A 115 -13.69 2.80 18.10
C TYR A 115 -12.42 3.65 17.90
N PHE A 116 -11.39 3.39 18.71
CA PHE A 116 -10.12 4.10 18.54
C PHE A 116 -9.35 3.58 17.34
N ARG A 117 -9.31 2.26 17.17
CA ARG A 117 -8.80 1.65 15.94
C ARG A 117 -9.44 2.28 14.70
N PHE A 118 -10.77 2.42 14.73
CA PHE A 118 -11.49 3.07 13.64
C PHE A 118 -10.91 4.44 13.33
N ILE A 119 -10.69 5.27 14.36
CA ILE A 119 -10.21 6.63 14.12
C ILE A 119 -8.83 6.59 13.49
N GLY A 120 -7.99 5.64 13.91
CA GLY A 120 -6.73 5.41 13.21
C GLY A 120 -6.92 5.19 11.73
N ARG A 121 -7.79 4.24 11.38
CA ARG A 121 -8.19 4.03 9.99
C ARG A 121 -8.68 5.34 9.37
N PHE A 122 -9.43 6.13 10.14
CA PHE A 122 -10.01 7.36 9.61
C PHE A 122 -8.95 8.41 9.31
N ILE A 123 -8.07 8.69 10.27
CA ILE A 123 -6.98 9.65 10.04
C ILE A 123 -6.15 9.23 8.84
N ALA A 124 -5.77 7.95 8.79
CA ALA A 124 -5.03 7.44 7.64
C ALA A 124 -5.74 7.76 6.33
N MET A 125 -7.04 7.45 6.25
CA MET A 125 -7.84 7.86 5.10
C MET A 125 -7.74 9.37 4.84
N ALA A 126 -7.91 10.16 5.90
CA ALA A 126 -7.88 11.62 5.75
C ALA A 126 -6.53 12.11 5.23
N LEU A 127 -5.44 11.47 5.64
N LEU A 127 -5.45 11.47 5.64
CA LEU A 127 -4.12 11.84 5.15
CA LEU A 127 -4.12 11.83 5.16
C LEU A 127 -3.80 11.17 3.82
C LEU A 127 -3.78 11.16 3.84
N TYR A 128 -4.18 9.90 3.67
CA TYR A 128 -3.86 9.18 2.43
C TYR A 128 -4.58 9.80 1.24
N HIS A 129 -5.81 10.28 1.44
CA HIS A 129 -6.56 10.96 0.40
C HIS A 129 -6.38 12.48 0.46
N GLY A 130 -5.33 12.94 1.13
CA GLY A 130 -4.97 14.34 1.23
C GLY A 130 -6.08 15.32 1.50
N LYS A 131 -6.92 15.02 2.47
CA LYS A 131 -7.98 15.92 2.91
C LYS A 131 -7.74 16.31 4.37
N PHE A 132 -8.48 17.31 4.83
CA PHE A 132 -8.23 17.97 6.08
C PHE A 132 -9.37 17.75 7.07
N ILE A 133 -9.05 17.95 8.35
CA ILE A 133 -9.95 17.71 9.46
C ILE A 133 -9.87 18.89 10.42
N ASP A 134 -10.68 18.85 11.46
CA ASP A 134 -10.66 19.86 12.52
C ASP A 134 -11.02 19.20 13.85
N THR A 135 -10.19 18.25 14.28
CA THR A 135 -10.29 17.63 15.59
C THR A 135 -9.45 18.35 16.64
N GLY A 136 -8.28 18.85 16.25
CA GLY A 136 -7.45 19.65 17.12
C GLY A 136 -6.64 18.86 18.12
N PHE A 137 -5.79 17.98 17.61
CA PHE A 137 -4.93 17.15 18.44
C PHE A 137 -3.79 17.97 19.04
N THR A 138 -3.26 17.45 20.16
CA THR A 138 -2.05 18.01 20.73
C THR A 138 -0.85 17.71 19.83
N LEU A 139 0.16 18.56 19.90
CA LEU A 139 1.39 18.26 19.15
C LEU A 139 2.11 17.02 19.68
N PRO A 140 2.18 16.80 21.01
CA PRO A 140 2.75 15.53 21.50
C PRO A 140 2.09 14.30 20.92
N PHE A 141 0.79 14.36 20.68
CA PHE A 141 0.09 13.30 19.94
C PHE A 141 0.86 12.92 18.67
N TYR A 142 1.21 13.93 17.86
CA TYR A 142 1.96 13.67 16.62
C TYR A 142 3.33 13.07 16.91
N LYS A 143 3.98 13.51 17.99
CA LYS A 143 5.26 12.92 18.36
C LYS A 143 5.12 11.43 18.64
N ARG A 144 4.04 11.03 19.30
CA ARG A 144 3.80 9.61 19.53
C ARG A 144 3.55 8.88 18.22
N MET A 145 2.88 9.54 17.27
CA MET A 145 2.71 8.96 15.94
C MET A 145 4.04 8.86 15.21
N LEU A 146 4.99 9.70 15.56
CA LEU A 146 6.33 9.70 14.99
C LEU A 146 7.33 8.91 15.83
N ASN A 147 6.83 8.15 16.80
CA ASN A 147 7.61 7.59 17.90
C ASN A 147 8.75 8.53 18.29
N LYS A 148 8.38 9.75 18.70
CA LYS A 148 9.30 10.68 19.36
C LYS A 148 8.94 10.75 20.83
N ARG A 149 9.95 10.89 21.68
CA ARG A 149 9.61 11.11 23.08
C ARG A 149 9.25 12.59 23.30
N PRO A 150 8.20 12.87 24.07
CA PRO A 150 7.85 14.25 24.37
C PRO A 150 8.71 14.85 25.47
N THR A 151 9.11 16.11 25.26
CA THR A 151 10.05 16.80 26.14
C THR A 151 9.33 17.55 27.25
N LEU A 152 10.11 18.22 28.09
CA LEU A 152 9.54 19.03 29.17
C LEU A 152 8.73 20.21 28.63
N LYS A 153 9.23 20.85 27.57
CA LYS A 153 8.46 21.90 26.91
C LYS A 153 7.04 21.44 26.61
N ASP A 154 6.88 20.18 26.20
CA ASP A 154 5.54 19.65 25.95
C ASP A 154 4.71 19.64 27.24
N LEU A 155 5.33 19.28 28.36
CA LEU A 155 4.63 19.30 29.65
C LEU A 155 4.14 20.71 30.01
N GLU A 156 4.95 21.72 29.70
CA GLU A 156 4.51 23.10 29.89
C GLU A 156 3.22 23.40 29.12
N SER A 157 3.11 22.87 27.91
CA SER A 157 1.96 23.17 27.06
C SER A 157 0.68 22.59 27.64
N ILE A 158 0.72 21.34 28.11
CA ILE A 158 -0.49 20.59 28.41
C ILE A 158 -0.91 20.71 29.87
N ASP A 159 0.05 20.64 30.80
CA ASP A 159 -0.27 20.65 32.23
C ASP A 159 0.74 21.56 32.90
N PRO A 160 0.44 22.86 32.99
CA PRO A 160 1.43 23.80 33.57
C PRO A 160 1.84 23.45 34.98
N GLU A 161 0.88 23.17 35.86
CA GLU A 161 1.20 22.88 37.26
C GLU A 161 2.04 21.61 37.38
N PHE A 162 1.82 20.64 36.49
CA PHE A 162 2.64 19.44 36.50
C PHE A 162 4.04 19.74 35.96
N TYR A 163 4.13 20.52 34.89
CA TYR A 163 5.42 21.01 34.41
C TYR A 163 6.13 21.81 35.50
N ASN A 164 5.45 22.81 36.07
CA ASN A 164 6.06 23.68 37.07
C ASN A 164 6.44 22.93 38.34
N SER A 165 5.78 21.80 38.63
CA SER A 165 6.23 20.91 39.69
C SER A 165 7.62 20.38 39.42
N ILE A 166 7.80 19.67 38.29
CA ILE A 166 9.07 19.02 38.00
C ILE A 166 10.18 20.04 37.83
N VAL A 167 9.84 21.22 37.31
CA VAL A 167 10.84 22.30 37.24
C VAL A 167 11.44 22.53 38.62
N TRP A 168 10.62 22.48 39.66
CA TRP A 168 11.12 22.64 41.02
C TRP A 168 12.13 21.54 41.37
N ILE A 169 11.81 20.29 41.06
CA ILE A 169 12.66 19.15 41.41
C ILE A 169 14.03 19.25 40.76
N LYS A 170 14.06 19.65 39.49
CA LYS A 170 15.32 19.74 38.77
C LYS A 170 16.15 20.90 39.32
N GLU A 171 15.45 21.96 39.77
CA GLU A 171 16.02 23.21 40.28
C GLU A 171 16.13 23.24 41.81
N ASN A 172 16.03 22.08 42.47
CA ASN A 172 16.38 21.88 43.89
C ASN A 172 16.77 20.41 44.06
N ASN A 173 16.62 19.90 45.28
CA ASN A 173 16.96 18.51 45.61
C ASN A 173 16.25 18.13 46.91
N LEU A 181 10.81 9.80 47.90
CA LEU A 181 9.88 9.28 46.89
C LEU A 181 10.33 7.93 46.38
N TYR A 182 9.40 7.19 45.76
CA TYR A 182 9.72 5.92 45.13
C TYR A 182 9.17 5.93 43.69
N PHE A 183 9.68 5.00 42.88
CA PHE A 183 9.37 4.96 41.45
C PHE A 183 7.99 4.32 41.21
N ILE A 184 6.96 5.04 41.66
CA ILE A 184 5.56 4.65 41.45
C ILE A 184 4.72 5.89 41.17
N GLN A 185 3.50 5.68 40.66
CA GLN A 185 2.54 6.76 40.46
C GLN A 185 1.11 6.25 40.55
N ASP A 186 0.45 6.54 41.66
CA ASP A 186 -0.97 6.29 41.86
C ASP A 186 -1.85 7.02 40.84
N MET A 187 -2.88 6.33 40.34
CA MET A 187 -3.78 6.90 39.33
C MET A 187 -5.22 6.48 39.63
N GLU A 188 -6.06 7.42 40.07
CA GLU A 188 -7.50 7.17 40.19
C GLU A 188 -8.20 6.91 38.87
N ILE A 189 -8.64 5.67 38.66
CA ILE A 189 -9.43 5.28 37.49
C ILE A 189 -10.89 5.04 37.90
N LEU A 190 -11.70 6.10 37.86
CA LEU A 190 -13.12 6.02 38.17
C LEU A 190 -13.36 5.44 39.56
N GLY A 191 -12.78 6.13 40.56
CA GLY A 191 -12.90 5.63 41.91
C GLY A 191 -11.73 4.74 42.29
N LYS A 192 -11.67 3.57 41.67
CA LYS A 192 -10.60 2.62 41.99
C LYS A 192 -9.25 3.20 41.60
N VAL A 193 -8.28 3.05 42.49
CA VAL A 193 -6.95 3.60 42.31
C VAL A 193 -5.96 2.46 42.20
N THR A 194 -4.96 2.66 41.35
CA THR A 194 -3.94 1.66 41.10
C THR A 194 -2.57 2.31 41.19
N THR A 195 -1.61 1.55 41.71
CA THR A 195 -0.22 2.01 41.87
C THR A 195 0.65 1.43 40.76
N HIS A 196 0.92 2.25 39.76
CA HIS A 196 1.72 1.84 38.60
C HIS A 196 3.20 1.85 38.96
N GLU A 197 3.86 0.69 38.83
CA GLU A 197 5.30 0.61 39.00
C GLU A 197 5.98 1.31 37.82
N LEU A 198 6.68 2.41 38.08
CA LEU A 198 7.39 3.10 37.01
C LEU A 198 8.50 2.23 36.43
N LYS A 199 9.07 1.34 37.23
CA LYS A 199 10.01 0.33 36.76
C LYS A 199 9.73 -0.96 37.52
N GLU A 200 10.48 -2.01 37.20
CA GLU A 200 10.34 -3.26 37.93
C GLU A 200 10.81 -3.07 39.37
N GLY A 201 10.04 -3.61 40.31
CA GLY A 201 10.35 -3.37 41.71
C GLY A 201 10.26 -1.91 42.10
N GLY A 202 9.54 -1.10 41.32
CA GLY A 202 9.59 0.34 41.49
C GLY A 202 9.11 0.82 42.85
N GLU A 203 8.18 0.08 43.46
CA GLU A 203 7.65 0.49 44.76
C GLU A 203 8.73 0.49 45.83
N SER A 204 9.75 -0.36 45.68
CA SER A 204 10.82 -0.48 46.68
C SER A 204 11.95 0.51 46.46
N ILE A 205 12.25 0.86 45.21
CA ILE A 205 13.41 1.70 44.90
C ILE A 205 13.10 3.16 45.20
N ARG A 206 13.97 3.80 45.98
CA ARG A 206 13.82 5.20 46.37
C ARG A 206 14.57 6.13 45.41
N VAL A 207 14.12 7.38 45.38
CA VAL A 207 14.71 8.42 44.54
C VAL A 207 16.00 8.93 45.17
N THR A 208 17.07 8.96 44.37
CA THR A 208 18.33 9.57 44.77
C THR A 208 18.68 10.68 43.80
N GLU A 209 19.71 11.46 44.14
CA GLU A 209 20.18 12.50 43.24
C GLU A 209 20.64 11.92 41.92
N GLU A 210 21.28 10.75 41.97
CA GLU A 210 21.74 10.10 40.74
C GLU A 210 20.58 9.41 40.01
N ASN A 211 19.58 8.94 40.76
CA ASN A 211 18.42 8.31 40.15
C ASN A 211 17.42 9.34 39.62
N LYS A 212 17.45 10.56 40.15
CA LYS A 212 16.53 11.60 39.69
C LYS A 212 16.62 11.82 38.19
N GLU A 213 17.85 11.85 37.66
CA GLU A 213 18.03 12.03 36.23
C GLU A 213 17.21 11.01 35.45
N GLU A 214 17.29 9.75 35.86
CA GLU A 214 16.42 8.72 35.29
C GLU A 214 14.98 8.94 35.70
N TYR A 215 14.76 9.24 36.99
CA TYR A 215 13.41 9.36 37.54
C TYR A 215 12.59 10.43 36.83
N ILE A 216 13.19 11.60 36.54
CA ILE A 216 12.44 12.70 35.94
C ILE A 216 11.89 12.30 34.59
N MET A 217 12.69 11.59 33.79
CA MET A 217 12.23 11.09 32.49
C MET A 217 10.97 10.25 32.64
N LEU A 218 11.02 9.22 33.50
CA LEU A 218 9.91 8.30 33.68
C LEU A 218 8.58 9.03 33.88
N LEU A 219 8.58 10.09 34.70
CA LEU A 219 7.35 10.88 34.85
C LEU A 219 6.96 11.57 33.56
N THR A 220 7.91 12.27 32.93
CA THR A 220 7.66 12.92 31.66
C THR A 220 6.95 12.00 30.68
N ASP A 221 7.40 10.75 30.58
CA ASP A 221 6.75 9.79 29.71
C ASP A 221 5.41 9.34 30.29
N TRP A 222 5.37 9.07 31.60
CA TRP A 222 4.16 8.56 32.24
C TRP A 222 2.99 9.55 32.13
N ARG A 223 3.25 10.85 32.34
CA ARG A 223 2.19 11.85 32.27
C ARG A 223 1.41 11.74 30.97
N PHE A 224 2.10 11.46 29.87
CA PHE A 224 1.46 11.27 28.58
C PHE A 224 0.84 9.88 28.44
N THR A 225 1.56 8.85 28.86
CA THR A 225 1.15 7.45 28.63
C THR A 225 0.39 6.85 29.80
N ARG A 226 -0.28 7.66 30.62
CA ARG A 226 -1.04 7.15 31.76
C ARG A 226 -2.48 6.86 31.32
N GLY A 227 -2.95 5.65 31.62
CA GLY A 227 -4.32 5.25 31.36
C GLY A 227 -4.82 5.42 29.94
N VAL A 228 -3.90 5.56 28.99
CA VAL A 228 -4.25 5.77 27.58
C VAL A 228 -3.29 4.91 26.76
N GLU A 229 -2.61 3.99 27.45
CA GLU A 229 -1.55 3.20 26.83
C GLU A 229 -2.09 2.28 25.74
N GLU A 230 -3.31 1.80 25.88
CA GLU A 230 -3.89 0.81 24.98
C GLU A 230 -4.80 1.43 23.95
N GLN A 231 -5.62 2.40 24.38
CA GLN A 231 -6.33 3.27 23.45
C GLN A 231 -5.39 3.82 22.38
N THR A 232 -4.19 4.23 22.80
CA THR A 232 -3.18 4.67 21.84
C THR A 232 -2.69 3.51 20.99
N LYS A 233 -2.29 2.40 21.63
CA LYS A 233 -1.82 1.23 20.90
C LYS A 233 -2.87 0.70 19.93
N ALA A 234 -4.15 0.77 20.32
CA ALA A 234 -5.21 0.33 19.42
C ALA A 234 -5.39 1.32 18.27
N PHE A 235 -5.48 2.61 18.60
CA PHE A 235 -5.53 3.66 17.58
C PHE A 235 -4.42 3.51 16.55
N LEU A 236 -3.17 3.40 17.02
CA LEU A 236 -2.03 3.34 16.11
C LEU A 236 -2.10 2.13 15.19
N ASP A 237 -2.69 1.03 15.67
N ASP A 237 -2.69 1.03 15.67
CA ASP A 237 -2.81 -0.17 14.85
CA ASP A 237 -2.81 -0.17 14.85
C ASP A 237 -3.67 0.10 13.62
C ASP A 237 -3.68 0.08 13.62
N GLY A 238 -4.85 0.69 13.83
CA GLY A 238 -5.75 0.95 12.72
C GLY A 238 -5.17 1.90 11.70
N PHE A 239 -4.50 2.96 12.17
CA PHE A 239 -3.80 3.86 11.27
C PHE A 239 -2.70 3.13 10.49
N ASN A 240 -1.87 2.36 11.21
CA ASN A 240 -0.83 1.58 10.53
C ASN A 240 -1.43 0.61 9.54
N GLU A 241 -2.59 0.02 9.89
CA GLU A 241 -3.27 -0.94 9.02
C GLU A 241 -3.54 -0.38 7.64
N VAL A 242 -3.74 0.93 7.53
CA VAL A 242 -4.05 1.57 6.25
C VAL A 242 -2.84 2.25 5.64
N ALA A 243 -2.13 3.06 6.43
CA ALA A 243 -0.95 3.77 5.94
C ALA A 243 0.18 3.57 6.94
N PRO A 244 1.33 3.07 6.51
CA PRO A 244 2.46 2.89 7.43
C PRO A 244 2.90 4.19 8.10
N LEU A 245 3.08 4.13 9.41
CA LEU A 245 3.70 5.24 10.12
C LEU A 245 5.09 5.52 9.57
N GLU A 246 5.76 4.49 9.06
CA GLU A 246 7.08 4.62 8.47
C GLU A 246 7.09 5.62 7.33
N TRP A 247 5.93 5.87 6.72
CA TRP A 247 5.78 6.89 5.68
C TRP A 247 5.99 8.30 6.22
N LEU A 248 5.83 8.48 7.53
CA LEU A 248 5.97 9.78 8.17
C LEU A 248 7.29 9.89 8.91
N ARG A 249 8.28 9.05 8.56
CA ARG A 249 9.53 9.04 9.30
C ARG A 249 10.32 10.33 9.13
N TYR A 250 10.13 11.02 8.01
CA TYR A 250 10.86 12.24 7.72
C TYR A 250 10.22 13.50 8.30
N PHE A 251 8.96 13.42 8.70
CA PHE A 251 8.24 14.61 9.18
C PHE A 251 8.55 14.86 10.65
N ASP A 252 8.19 16.04 11.11
CA ASP A 252 8.24 16.37 12.54
C ASP A 252 6.83 16.68 13.02
N GLU A 253 6.72 17.01 14.31
CA GLU A 253 5.43 17.22 14.94
C GLU A 253 4.65 18.33 14.24
N LYS A 254 5.30 19.47 14.00
CA LYS A 254 4.60 20.65 13.47
C LYS A 254 4.32 20.51 11.98
N GLU A 255 5.26 19.94 11.21
CA GLU A 255 4.98 19.64 9.81
C GLU A 255 3.76 18.74 9.68
N LEU A 256 3.67 17.73 10.54
CA LEU A 256 2.61 16.74 10.44
C LEU A 256 1.24 17.37 10.68
N GLU A 257 1.13 18.22 11.72
CA GLU A 257 -0.15 18.87 12.00
C GLU A 257 -0.64 19.68 10.81
N LEU A 258 0.27 20.33 10.10
CA LEU A 258 -0.13 21.13 8.95
C LEU A 258 -0.64 20.26 7.81
N MET A 259 -0.13 19.04 7.70
CA MET A 259 -0.66 18.09 6.73
C MET A 259 -2.12 17.73 7.01
N LEU A 260 -2.46 17.50 8.28
CA LEU A 260 -3.80 17.01 8.59
C LEU A 260 -4.85 18.13 8.58
N CYS A 261 -4.45 19.34 8.95
CA CYS A 261 -5.37 20.46 8.97
C CYS A 261 -5.31 21.32 7.72
N GLY A 262 -4.20 21.29 6.99
CA GLY A 262 -4.06 22.11 5.81
C GLY A 262 -3.66 23.53 6.17
N MET A 263 -3.20 24.26 5.16
CA MET A 263 -2.72 25.62 5.39
C MET A 263 -3.84 26.61 5.10
N GLN A 264 -3.85 27.68 5.88
CA GLN A 264 -4.74 28.81 5.64
C GLN A 264 -3.90 30.05 5.37
N GLU A 265 -4.52 31.06 4.78
CA GLU A 265 -3.95 32.39 4.81
C GLU A 265 -4.24 33.00 6.17
N ILE A 266 -3.26 33.70 6.73
CA ILE A 266 -3.40 34.31 8.05
C ILE A 266 -3.72 35.78 7.89
N ASP A 267 -4.74 36.25 8.61
CA ASP A 267 -5.11 37.66 8.59
C ASP A 267 -4.02 38.45 9.28
N MET A 268 -3.02 38.87 8.49
CA MET A 268 -1.87 39.60 9.03
C MET A 268 -2.29 40.83 9.83
N SER A 269 -3.34 41.53 9.37
CA SER A 269 -3.88 42.66 10.13
C SER A 269 -4.39 42.20 11.48
N ASP A 270 -5.31 41.23 11.48
CA ASP A 270 -5.93 40.74 12.71
C ASP A 270 -4.87 40.28 13.72
N TRP A 271 -3.74 39.75 13.24
CA TRP A 271 -2.65 39.38 14.13
C TRP A 271 -2.10 40.61 14.85
N GLN A 272 -1.66 41.62 14.10
CA GLN A 272 -1.15 42.84 14.70
C GLN A 272 -2.21 43.52 15.56
N LYS A 273 -3.48 43.44 15.16
CA LYS A 273 -4.54 44.13 15.88
C LYS A 273 -4.96 43.41 17.16
N SER A 274 -4.61 42.13 17.29
CA SER A 274 -4.95 41.36 18.49
C SER A 274 -3.71 40.82 19.18
N THR A 275 -2.56 41.46 18.99
CA THR A 275 -1.34 41.11 19.68
C THR A 275 -1.18 42.05 20.86
N ILE A 276 -1.01 41.48 22.05
CA ILE A 276 -0.77 42.26 23.26
C ILE A 276 0.67 42.07 23.69
N TYR A 277 1.16 43.00 24.51
CA TYR A 277 2.56 43.04 24.87
C TYR A 277 2.72 43.20 26.37
N ARG A 278 3.88 42.76 26.85
CA ARG A 278 4.30 42.95 28.24
C ARG A 278 5.73 43.46 28.22
N HIS A 279 6.00 44.48 29.03
CA HIS A 279 7.28 45.20 29.04
C HIS A 279 7.53 45.90 27.70
N TYR A 280 7.27 45.21 26.59
CA TYR A 280 7.34 45.85 25.30
C TYR A 280 6.12 46.76 25.10
N THR A 281 6.21 47.61 24.08
CA THR A 281 5.09 48.39 23.61
C THR A 281 5.02 48.25 22.10
N LYS A 282 3.94 48.77 21.50
CA LYS A 282 3.75 48.58 20.07
C LYS A 282 4.80 49.35 19.27
N ASN A 283 5.23 50.50 19.76
CA ASN A 283 6.23 51.34 19.09
C ASN A 283 7.63 51.17 19.66
N SER A 284 8.02 49.93 19.94
CA SER A 284 9.39 49.61 20.29
C SER A 284 10.18 49.28 19.02
N LYS A 285 11.50 49.40 19.11
CA LYS A 285 12.35 49.03 17.99
C LYS A 285 12.18 47.56 17.64
N GLN A 286 12.15 46.68 18.64
CA GLN A 286 12.06 45.25 18.40
C GLN A 286 10.78 44.87 17.66
N ILE A 287 9.64 45.39 18.09
CA ILE A 287 8.35 44.99 17.50
C ILE A 287 8.18 45.60 16.12
N GLN A 288 8.48 46.90 15.99
CA GLN A 288 8.41 47.52 14.67
C GLN A 288 9.33 46.78 13.69
N TRP A 289 10.40 46.17 14.19
CA TRP A 289 11.19 45.21 13.43
C TRP A 289 10.49 43.87 13.30
N PHE A 290 9.81 43.43 14.37
CA PHE A 290 9.22 42.09 14.39
C PHE A 290 8.20 41.94 13.27
N TRP A 291 7.26 42.89 13.15
CA TRP A 291 6.29 42.80 12.07
C TRP A 291 6.93 43.05 10.72
N GLN A 292 8.07 43.73 10.68
CA GLN A 292 8.87 43.76 9.46
C GLN A 292 9.25 42.36 9.01
N VAL A 293 9.78 41.55 9.94
CA VAL A 293 10.21 40.21 9.58
C VAL A 293 9.00 39.33 9.24
N VAL A 294 7.93 39.44 10.03
CA VAL A 294 6.75 38.62 9.79
C VAL A 294 6.09 38.97 8.45
N LYS A 295 6.30 40.17 7.92
CA LYS A 295 5.70 40.49 6.62
C LYS A 295 6.48 39.84 5.44
N GLU A 296 7.77 40.15 5.27
CA GLU A 296 8.57 39.48 4.23
C GLU A 296 8.75 38.03 4.68
N MET A 297 7.66 37.28 4.56
CA MET A 297 7.63 35.91 5.07
C MET A 297 6.55 35.19 4.28
N ASP A 298 6.85 33.98 3.81
CA ASP A 298 5.82 33.19 3.16
C ASP A 298 4.84 32.64 4.19
N ASN A 299 3.66 32.28 3.70
CA ASN A 299 2.62 31.76 4.59
C ASN A 299 3.07 30.49 5.32
N GLU A 300 4.01 29.74 4.72
CA GLU A 300 4.47 28.51 5.32
C GLU A 300 5.08 28.77 6.71
N LYS A 301 5.88 29.81 6.83
CA LYS A 301 6.53 30.08 8.11
C LYS A 301 5.58 30.69 9.13
N ARG A 302 4.71 31.61 8.68
CA ARG A 302 3.78 32.29 9.59
C ARG A 302 2.99 31.29 10.42
N ILE A 303 2.50 30.21 9.79
CA ILE A 303 1.83 29.17 10.56
C ILE A 303 2.82 28.45 11.46
N ARG A 304 3.98 28.09 10.92
CA ARG A 304 5.04 27.46 11.71
C ARG A 304 5.39 28.32 12.92
N LEU A 305 5.42 29.64 12.74
CA LEU A 305 5.55 30.55 13.88
C LEU A 305 4.37 30.41 14.83
N LEU A 306 3.15 30.57 14.30
CA LEU A 306 1.94 30.38 15.09
C LEU A 306 1.96 29.05 15.83
N GLN A 307 2.43 28.00 15.15
CA GLN A 307 2.63 26.70 15.81
C GLN A 307 3.64 26.81 16.94
N PHE A 308 4.75 27.51 16.70
CA PHE A 308 5.80 27.67 17.70
C PHE A 308 5.27 28.30 18.98
N VAL A 309 4.40 29.30 18.86
CA VAL A 309 3.98 30.08 20.02
C VAL A 309 2.74 29.50 20.67
N THR A 310 1.68 29.24 19.89
CA THR A 310 0.45 28.75 20.48
C THR A 310 0.48 27.25 20.72
N GLY A 311 1.25 26.50 19.93
CA GLY A 311 1.24 25.05 20.01
C GLY A 311 0.23 24.40 19.10
N THR A 312 -0.29 25.12 18.11
CA THR A 312 -1.30 24.60 17.21
C THR A 312 -1.45 25.56 16.04
N CYS A 313 -1.54 24.99 14.83
CA CYS A 313 -1.82 25.78 13.64
C CYS A 313 -3.27 26.21 13.55
N ARG A 314 -4.14 25.57 14.32
CA ARG A 314 -5.57 25.86 14.27
C ARG A 314 -5.89 27.25 14.82
N LEU A 315 -6.81 27.95 14.14
CA LEU A 315 -7.35 29.17 14.72
C LEU A 315 -8.76 28.87 15.24
N PRO A 316 -9.11 29.29 16.46
CA PRO A 316 -10.49 29.15 16.92
C PRO A 316 -11.38 30.22 16.28
N VAL A 317 -12.68 30.03 16.47
CA VAL A 317 -13.68 30.90 15.85
C VAL A 317 -13.48 32.36 16.27
N GLY A 318 -13.53 33.26 15.30
CA GLY A 318 -13.55 34.69 15.53
C GLY A 318 -12.22 35.40 15.38
N GLY A 319 -11.11 34.68 15.27
CA GLY A 319 -9.82 35.31 15.03
C GLY A 319 -8.92 35.28 16.24
N PHE A 320 -7.83 36.07 16.13
CA PHE A 320 -6.83 36.12 17.18
C PHE A 320 -7.43 36.64 18.49
N ALA A 321 -8.50 37.44 18.40
CA ALA A 321 -9.17 37.94 19.59
C ALA A 321 -9.55 36.82 20.54
N GLU A 322 -10.16 35.75 20.01
CA GLU A 322 -10.70 34.67 20.82
C GLU A 322 -9.65 33.59 21.11
N LEU A 323 -8.38 33.97 21.26
CA LEU A 323 -7.30 33.01 21.44
C LEU A 323 -7.30 32.53 22.88
N ILE A 324 -7.20 31.22 23.07
CA ILE A 324 -7.39 30.58 24.37
C ILE A 324 -6.09 29.87 24.79
N GLY A 325 -5.73 30.02 26.05
CA GLY A 325 -4.68 29.24 26.66
C GLY A 325 -5.19 28.51 27.87
N SER A 326 -4.31 27.96 28.71
CA SER A 326 -4.72 27.43 30.00
C SER A 326 -4.97 28.58 30.95
N ASN A 327 -6.07 28.47 31.72
CA ASN A 327 -6.64 29.53 32.56
C ASN A 327 -7.53 30.50 31.78
N GLY A 328 -7.98 30.14 30.58
CA GLY A 328 -8.91 30.97 29.86
C GLY A 328 -8.29 31.69 28.68
N PRO A 329 -8.98 32.73 28.18
CA PRO A 329 -8.45 33.47 27.03
C PRO A 329 -7.09 34.08 27.34
N GLN A 330 -6.21 34.04 26.34
CA GLN A 330 -4.86 34.58 26.50
C GLN A 330 -4.37 34.96 25.09
N LYS A 331 -4.50 36.24 24.76
CA LYS A 331 -4.22 36.74 23.42
C LYS A 331 -2.71 36.64 23.14
N PHE A 332 -2.36 36.82 21.87
CA PHE A 332 -0.98 36.66 21.44
C PHE A 332 -0.11 37.68 22.17
N CYS A 333 0.92 37.20 22.86
CA CYS A 333 1.62 38.01 23.84
C CYS A 333 3.13 37.92 23.64
N ILE A 334 3.80 39.07 23.74
CA ILE A 334 5.24 39.16 23.60
C ILE A 334 5.78 39.75 24.89
N ASP A 335 7.02 39.40 25.22
CA ASP A 335 7.61 39.79 26.50
C ASP A 335 9.10 40.00 26.30
N LYS A 336 9.65 40.99 26.99
CA LYS A 336 11.07 41.32 26.89
C LYS A 336 11.81 40.47 27.91
N VAL A 337 12.20 39.26 27.50
CA VAL A 337 12.71 38.24 28.40
C VAL A 337 13.98 37.64 27.82
N GLY A 338 14.96 37.39 28.68
CA GLY A 338 16.12 36.60 28.35
C GLY A 338 17.28 37.43 27.82
N LYS A 339 18.39 36.74 27.61
CA LYS A 339 19.61 37.39 27.11
C LYS A 339 19.60 37.40 25.59
N GLU A 340 20.19 38.46 25.01
CA GLU A 340 20.35 38.55 23.57
C GLU A 340 21.51 37.69 23.05
N THR A 341 22.09 36.85 23.91
CA THR A 341 22.91 35.73 23.49
C THR A 341 22.12 34.42 23.52
N TRP A 342 20.81 34.53 23.71
CA TRP A 342 19.85 33.42 23.72
C TRP A 342 18.92 33.52 22.51
N LEU A 343 18.14 32.47 22.30
CA LEU A 343 17.07 32.46 21.31
C LEU A 343 15.75 32.88 21.93
N PRO A 344 14.81 33.39 21.13
CA PRO A 344 13.46 33.65 21.65
C PRO A 344 12.68 32.36 21.80
N ARG A 345 12.08 32.16 22.97
CA ARG A 345 11.35 30.94 23.25
C ARG A 345 9.91 31.25 23.65
N SER A 346 9.05 30.26 23.49
CA SER A 346 7.62 30.43 23.63
C SER A 346 7.10 29.73 24.88
N HIS A 347 5.88 30.10 25.26
CA HIS A 347 5.13 29.45 26.34
C HIS A 347 3.72 29.22 25.81
N THR A 348 3.50 28.03 25.23
CA THR A 348 2.27 27.77 24.50
C THR A 348 1.06 27.67 25.41
N CYS A 349 1.25 27.35 26.69
CA CYS A 349 0.14 27.39 27.63
C CYS A 349 -0.29 28.81 27.89
N PHE A 350 0.64 29.75 27.73
CA PHE A 350 0.33 31.17 27.91
C PHE A 350 0.18 31.89 26.57
N ASN A 351 0.41 31.20 25.45
CA ASN A 351 0.43 31.84 24.13
C ASN A 351 1.32 33.07 24.16
N ARG A 352 2.53 32.89 24.70
CA ARG A 352 3.42 34.00 25.04
C ARG A 352 4.79 33.74 24.45
N LEU A 353 5.34 34.75 23.78
CA LEU A 353 6.68 34.68 23.21
C LEU A 353 7.64 35.46 24.10
N ASP A 354 8.70 34.80 24.54
CA ASP A 354 9.80 35.50 25.18
C ASP A 354 10.74 35.99 24.09
N LEU A 355 10.89 37.30 23.99
CA LEU A 355 11.70 37.91 22.93
C LEU A 355 12.75 38.78 23.58
N PRO A 356 14.03 38.44 23.46
CA PRO A 356 15.08 39.23 24.12
C PRO A 356 15.24 40.58 23.44
N PRO A 357 15.76 41.58 24.17
CA PRO A 357 16.08 42.85 23.51
C PRO A 357 17.27 42.68 22.57
N TYR A 358 16.98 42.42 21.29
CA TYR A 358 18.03 42.23 20.30
C TYR A 358 18.45 43.59 19.77
N LYS A 359 19.77 43.83 19.71
CA LYS A 359 20.30 45.14 19.34
C LYS A 359 20.34 45.42 17.84
N SER A 360 19.88 44.49 16.99
CA SER A 360 19.96 44.73 15.55
C SER A 360 18.82 44.03 14.85
N TYR A 361 18.39 44.61 13.73
CA TYR A 361 17.35 43.97 12.91
C TYR A 361 17.87 42.66 12.30
N GLU A 362 19.07 42.67 11.71
CA GLU A 362 19.59 41.45 11.11
C GLU A 362 20.12 40.46 12.14
N GLN A 363 19.87 40.71 13.43
CA GLN A 363 20.08 39.76 14.51
C GLN A 363 18.77 39.12 14.95
N LEU A 364 17.74 39.96 15.16
CA LEU A 364 16.40 39.46 15.47
C LEU A 364 15.90 38.52 14.37
N ARG A 365 15.95 38.97 13.12
CA ARG A 365 15.54 38.14 11.99
C ARG A 365 16.16 36.75 12.05
N GLU A 366 17.49 36.68 12.20
CA GLU A 366 18.17 35.39 12.35
C GLU A 366 17.67 34.65 13.58
N LYS A 367 17.84 35.26 14.76
CA LYS A 367 17.52 34.58 16.01
C LYS A 367 16.09 34.06 16.02
N LEU A 368 15.16 34.84 15.46
CA LEU A 368 13.77 34.43 15.36
C LEU A 368 13.66 33.14 14.54
N LEU A 369 13.99 33.23 13.25
CA LEU A 369 13.81 32.11 12.32
C LEU A 369 14.46 30.83 12.84
N TYR A 370 15.61 30.94 13.51
CA TYR A 370 16.26 29.76 14.06
C TYR A 370 15.39 29.09 15.13
N ALA A 371 14.82 29.88 16.04
CA ALA A 371 13.91 29.32 17.05
C ALA A 371 12.75 28.58 16.39
N ILE A 372 12.14 29.18 15.36
CA ILE A 372 11.08 28.51 14.63
C ILE A 372 11.61 27.26 13.93
N GLU A 373 12.76 27.37 13.27
CA GLU A 373 13.24 26.27 12.44
C GLU A 373 13.70 25.08 13.26
N GLU A 374 14.64 25.30 14.18
CA GLU A 374 15.40 24.21 14.76
C GLU A 374 15.01 23.87 16.19
N THR A 375 14.08 24.60 16.79
CA THR A 375 13.60 24.30 18.13
C THR A 375 12.09 24.06 18.08
N GLU A 376 11.50 23.83 19.26
CA GLU A 376 10.09 23.51 19.35
C GLU A 376 9.35 24.53 20.22
N ASP B 3 5.01 0.41 -24.43
CA ASP B 3 5.59 -0.11 -25.65
C ASP B 3 7.10 0.07 -25.66
N ARG B 4 7.69 0.07 -24.47
CA ARG B 4 9.13 0.12 -24.30
C ARG B 4 9.62 -1.32 -24.11
N SER B 5 10.91 -1.48 -23.89
CA SER B 5 11.42 -2.84 -23.76
C SER B 5 10.94 -3.47 -22.46
N PHE B 6 10.82 -4.80 -22.47
CA PHE B 6 10.55 -5.53 -21.25
C PHE B 6 11.61 -5.20 -20.20
N ARG B 7 12.87 -5.12 -20.64
CA ARG B 7 13.96 -4.68 -19.79
C ARG B 7 13.59 -3.41 -19.03
N TRP B 8 13.11 -2.39 -19.75
CA TRP B 8 12.76 -1.13 -19.13
C TRP B 8 11.56 -1.26 -18.20
N LYS B 9 10.50 -1.96 -18.65
CA LYS B 9 9.34 -2.15 -17.78
C LYS B 9 9.73 -2.79 -16.46
N TYR B 10 10.75 -3.66 -16.50
CA TYR B 10 11.30 -4.21 -15.27
C TYR B 10 11.92 -3.10 -14.44
N HIS B 11 12.62 -2.17 -15.08
CA HIS B 11 13.36 -1.13 -14.38
C HIS B 11 12.46 -0.15 -13.66
N GLN B 12 11.32 0.22 -14.25
CA GLN B 12 10.42 1.11 -13.54
C GLN B 12 9.60 0.35 -12.51
N PHE B 13 9.38 -0.94 -12.73
CA PHE B 13 8.67 -1.74 -11.73
C PHE B 13 9.53 -1.94 -10.49
N ARG B 14 10.81 -2.22 -10.68
CA ARG B 14 11.71 -2.39 -9.54
C ARG B 14 11.93 -1.06 -8.83
N PHE B 15 12.12 0.01 -9.59
CA PHE B 15 12.15 1.36 -9.05
C PHE B 15 10.84 1.69 -8.34
N LEU B 16 9.72 1.13 -8.81
CA LEU B 16 8.45 1.28 -8.11
C LEU B 16 8.42 0.47 -6.82
N CYS B 17 9.06 -0.70 -6.81
CA CYS B 17 9.12 -1.49 -5.59
C CYS B 17 10.04 -0.85 -4.56
N HIS B 18 11.28 -0.55 -4.96
CA HIS B 18 12.26 -0.01 -4.03
C HIS B 18 11.81 1.32 -3.44
N SER B 19 11.14 2.15 -4.24
CA SER B 19 10.60 3.42 -3.77
C SER B 19 9.51 3.21 -2.72
N ASN B 20 9.23 1.95 -2.38
CA ASN B 20 8.26 1.60 -1.36
C ASN B 20 8.82 0.65 -0.32
N ALA B 21 10.12 0.35 -0.37
CA ALA B 21 10.71 -0.58 0.59
C ALA B 21 10.65 -0.01 2.00
N LEU B 22 10.21 -0.83 2.94
CA LEU B 22 10.11 -0.40 4.32
C LEU B 22 11.33 -0.86 5.12
N PRO B 23 11.71 -0.13 6.16
CA PRO B 23 12.93 -0.46 6.88
C PRO B 23 12.78 -1.71 7.74
N SER B 24 13.90 -2.12 8.35
CA SER B 24 14.00 -3.22 9.30
C SER B 24 13.77 -4.56 8.60
N HIS B 25 13.23 -5.55 9.32
CA HIS B 25 13.10 -6.90 8.79
C HIS B 25 11.90 -7.60 9.42
N VAL B 26 11.61 -8.79 8.91
CA VAL B 26 10.57 -9.67 9.45
C VAL B 26 11.13 -11.09 9.56
N LYS B 27 10.98 -11.70 10.73
CA LYS B 27 11.44 -13.06 10.97
C LYS B 27 10.31 -14.05 10.74
N ILE B 28 10.60 -15.18 10.10
CA ILE B 28 9.61 -16.21 9.78
C ILE B 28 10.15 -17.56 10.23
N SER B 29 9.61 -18.10 11.32
CA SER B 29 10.07 -19.36 11.89
C SER B 29 9.17 -20.50 11.40
N VAL B 30 9.78 -21.48 10.72
CA VAL B 30 9.06 -22.59 10.12
C VAL B 30 9.86 -23.88 10.25
N SER B 31 9.14 -24.99 10.37
CA SER B 31 9.69 -26.35 10.34
C SER B 31 9.34 -27.07 9.04
N ARG B 32 10.26 -27.93 8.58
CA ARG B 32 10.14 -28.52 7.24
C ARG B 32 8.92 -29.40 7.07
N GLN B 33 8.44 -30.04 8.14
CA GLN B 33 7.30 -30.94 7.99
C GLN B 33 5.99 -30.18 7.82
N THR B 34 5.69 -29.28 8.77
CA THR B 34 4.52 -28.42 8.67
C THR B 34 4.81 -27.10 7.97
N LEU B 35 5.77 -27.08 7.04
CA LEU B 35 6.16 -25.90 6.29
C LEU B 35 4.93 -25.09 5.87
N PHE B 36 4.02 -25.75 5.17
CA PHE B 36 2.78 -25.11 4.74
C PHE B 36 2.02 -24.55 5.95
N GLU B 37 1.72 -25.40 6.92
CA GLU B 37 0.91 -24.99 8.06
C GLU B 37 1.60 -23.91 8.89
N ASP B 38 2.93 -23.94 8.95
CA ASP B 38 3.68 -22.87 9.62
C ASP B 38 3.63 -21.57 8.81
N SER B 39 4.07 -21.63 7.55
CA SER B 39 4.13 -20.44 6.71
C SER B 39 2.75 -19.79 6.58
N PHE B 40 1.70 -20.61 6.47
CA PHE B 40 0.33 -20.10 6.40
C PHE B 40 0.01 -19.21 7.61
N GLN B 41 0.04 -19.81 8.81
CA GLN B 41 -0.31 -19.06 10.02
C GLN B 41 0.64 -17.89 10.26
N GLN B 42 1.93 -18.09 10.04
CA GLN B 42 2.89 -16.99 10.16
C GLN B 42 2.50 -15.81 9.27
N ILE B 43 2.48 -16.03 7.94
CA ILE B 43 2.34 -14.93 7.00
C ILE B 43 0.98 -14.25 7.14
N MET B 44 -0.07 -15.05 7.28
CA MET B 44 -1.41 -14.49 7.44
C MET B 44 -1.55 -13.71 8.74
N ASN B 45 -0.74 -14.01 9.75
CA ASN B 45 -0.77 -13.31 11.03
C ASN B 45 -0.07 -11.97 10.99
N MET B 46 0.68 -11.65 9.94
CA MET B 46 1.40 -10.40 9.87
C MET B 46 0.55 -9.34 9.19
N LYS B 47 0.90 -8.09 9.45
CA LYS B 47 0.27 -7.04 8.68
C LYS B 47 0.94 -6.98 7.30
N PRO B 48 0.17 -6.66 6.27
CA PRO B 48 0.67 -6.88 4.89
C PRO B 48 1.94 -6.12 4.56
N TYR B 49 1.99 -4.81 4.85
CA TYR B 49 3.08 -4.00 4.33
C TYR B 49 4.38 -4.24 5.08
N ASP B 50 4.32 -4.87 6.26
CA ASP B 50 5.53 -5.37 6.90
C ASP B 50 6.30 -6.34 5.99
N LEU B 51 5.60 -6.99 5.07
CA LEU B 51 6.22 -7.93 4.14
C LEU B 51 7.04 -7.24 3.06
N ARG B 52 7.16 -5.91 3.09
CA ARG B 52 8.06 -5.20 2.20
C ARG B 52 9.44 -4.98 2.80
N ARG B 53 9.61 -5.37 4.07
CA ARG B 53 10.90 -5.31 4.73
C ARG B 53 11.74 -6.53 4.31
N ARG B 54 13.06 -6.40 4.42
CA ARG B 54 13.95 -7.52 4.12
C ARG B 54 13.51 -8.78 4.84
N LEU B 55 13.55 -9.90 4.11
CA LEU B 55 12.98 -11.16 4.58
C LEU B 55 14.04 -12.04 5.24
N TYR B 56 13.80 -12.40 6.50
CA TYR B 56 14.58 -13.40 7.22
C TYR B 56 13.69 -14.61 7.46
N ILE B 57 14.01 -15.73 6.81
CA ILE B 57 13.23 -16.96 6.89
C ILE B 57 13.95 -17.89 7.84
N ILE B 58 13.43 -18.00 9.07
CA ILE B 58 13.99 -18.88 10.08
C ILE B 58 13.50 -20.31 9.86
N MET B 59 14.43 -21.22 9.56
CA MET B 59 14.12 -22.63 9.42
C MET B 59 14.59 -23.31 10.69
N ARG B 60 13.71 -23.31 11.70
CA ARG B 60 14.00 -23.69 13.08
C ARG B 60 14.95 -24.87 13.18
N GLY B 61 16.07 -24.66 13.86
CA GLY B 61 17.04 -25.71 14.10
C GLY B 61 17.84 -26.18 12.89
N GLU B 62 18.04 -25.31 11.89
CA GLU B 62 18.93 -25.62 10.78
C GLU B 62 19.83 -24.43 10.53
N GLU B 63 21.08 -24.71 10.19
CA GLU B 63 22.18 -23.75 10.29
C GLU B 63 22.47 -22.96 9.02
N GLY B 64 21.88 -23.30 7.87
CA GLY B 64 22.14 -22.49 6.70
C GLY B 64 21.79 -21.03 6.97
N LEU B 65 22.71 -20.10 6.62
CA LEU B 65 22.54 -18.67 6.90
C LEU B 65 23.01 -17.79 5.73
N ASP B 66 22.29 -17.88 4.61
CA ASP B 66 22.40 -16.89 3.53
C ASP B 66 20.95 -16.69 3.08
N TYR B 67 20.24 -15.85 3.83
CA TYR B 67 18.81 -15.61 3.63
C TYR B 67 18.48 -15.13 2.23
N GLY B 68 19.47 -14.71 1.43
CA GLY B 68 19.20 -14.50 0.02
C GLY B 68 19.00 -15.83 -0.70
N GLY B 69 19.88 -16.80 -0.42
CA GLY B 69 19.72 -18.11 -1.01
C GLY B 69 18.57 -18.91 -0.38
N ILE B 70 18.48 -18.88 0.94
CA ILE B 70 17.43 -19.61 1.65
C ILE B 70 16.05 -19.13 1.23
N ALA B 71 15.90 -17.82 1.02
CA ALA B 71 14.60 -17.29 0.59
C ALA B 71 14.14 -17.96 -0.70
N ARG B 72 14.95 -17.88 -1.76
CA ARG B 72 14.59 -18.49 -3.03
C ARG B 72 14.26 -19.97 -2.86
N GLU B 73 15.01 -20.68 -2.03
CA GLU B 73 14.68 -22.07 -1.72
C GLU B 73 13.32 -22.17 -1.03
N TRP B 74 13.07 -21.30 -0.04
CA TRP B 74 11.76 -21.28 0.60
C TRP B 74 10.66 -21.00 -0.41
N PHE B 75 10.92 -20.09 -1.36
CA PHE B 75 9.96 -19.81 -2.41
C PHE B 75 9.71 -21.05 -3.27
N PHE B 76 10.79 -21.68 -3.73
CA PHE B 76 10.67 -22.97 -4.41
C PHE B 76 9.84 -23.96 -3.59
N LEU B 77 10.20 -24.13 -2.32
CA LEU B 77 9.55 -25.15 -1.50
C LEU B 77 8.06 -24.88 -1.33
N LEU B 78 7.70 -23.63 -1.01
CA LEU B 78 6.29 -23.31 -0.80
C LEU B 78 5.51 -23.29 -2.10
N SER B 79 6.10 -22.74 -3.18
CA SER B 79 5.42 -22.72 -4.47
C SER B 79 5.08 -24.13 -4.93
N HIS B 80 5.94 -25.10 -4.65
CA HIS B 80 5.62 -26.49 -4.94
C HIS B 80 4.55 -27.02 -3.99
N GLU B 81 4.63 -26.68 -2.70
CA GLU B 81 3.80 -27.34 -1.70
C GLU B 81 2.34 -26.90 -1.78
N VAL B 82 2.08 -25.68 -2.25
CA VAL B 82 0.69 -25.23 -2.38
C VAL B 82 -0.10 -26.11 -3.31
N LEU B 83 0.56 -26.81 -4.23
CA LEU B 83 -0.10 -27.62 -5.24
C LEU B 83 -0.58 -28.96 -4.73
N ASN B 84 -0.25 -29.32 -3.48
CA ASN B 84 -0.64 -30.61 -2.91
C ASN B 84 -2.13 -30.83 -3.10
N PRO B 85 -2.54 -31.87 -3.83
CA PRO B 85 -3.97 -32.05 -4.11
C PRO B 85 -4.80 -32.41 -2.88
N MET B 86 -4.17 -32.84 -1.78
CA MET B 86 -4.92 -33.07 -0.55
C MET B 86 -5.47 -31.80 0.05
N TYR B 87 -5.08 -30.64 -0.46
CA TYR B 87 -5.70 -29.37 -0.12
C TYR B 87 -6.86 -29.03 -1.05
N CYS B 88 -7.00 -29.77 -2.15
CA CYS B 88 -8.13 -29.65 -3.07
C CYS B 88 -8.21 -28.25 -3.70
N LEU B 89 -7.10 -27.53 -3.77
CA LEU B 89 -7.12 -26.14 -4.20
C LEU B 89 -7.00 -26.01 -5.71
N PHE B 90 -6.09 -26.77 -6.33
CA PHE B 90 -5.78 -26.65 -7.74
C PHE B 90 -6.06 -27.97 -8.44
N GLU B 91 -6.06 -27.92 -9.77
CA GLU B 91 -6.21 -29.11 -10.59
C GLU B 91 -5.47 -28.85 -11.91
N TYR B 92 -5.45 -29.88 -12.75
CA TYR B 92 -4.83 -29.81 -14.07
C TYR B 92 -5.88 -30.21 -15.10
N ALA B 93 -5.97 -29.44 -16.19
CA ALA B 93 -6.98 -29.71 -17.20
C ALA B 93 -6.69 -30.97 -18.01
N GLY B 94 -5.42 -31.38 -18.09
CA GLY B 94 -5.03 -32.52 -18.90
C GLY B 94 -4.16 -33.50 -18.10
N LYS B 95 -3.77 -34.57 -18.81
CA LYS B 95 -2.86 -35.55 -18.25
C LYS B 95 -1.51 -34.91 -17.89
N ASN B 96 -0.68 -35.69 -17.21
CA ASN B 96 0.73 -35.36 -16.96
C ASN B 96 0.88 -34.07 -16.16
N ASN B 97 -0.17 -33.66 -15.47
CA ASN B 97 -0.21 -32.39 -14.75
C ASN B 97 -0.04 -31.22 -15.73
N TYR B 98 -0.96 -31.14 -16.68
CA TYR B 98 -0.95 -30.12 -17.72
C TYR B 98 -2.09 -29.14 -17.50
N CYS B 99 -1.77 -27.84 -17.68
CA CYS B 99 -2.72 -26.73 -17.50
C CYS B 99 -3.18 -26.65 -16.05
N LEU B 100 -2.27 -26.17 -15.21
CA LEU B 100 -2.59 -25.90 -13.82
C LEU B 100 -3.71 -24.88 -13.73
N GLN B 101 -4.84 -25.26 -13.15
CA GLN B 101 -5.99 -24.37 -13.10
C GLN B 101 -6.73 -24.55 -11.79
N ILE B 102 -7.56 -23.57 -11.47
CA ILE B 102 -8.27 -23.55 -10.19
C ILE B 102 -9.20 -24.73 -10.10
N ASN B 103 -9.20 -25.40 -8.94
CA ASN B 103 -10.14 -26.47 -8.66
C ASN B 103 -11.43 -25.88 -8.10
N PRO B 104 -12.56 -25.98 -8.80
CA PRO B 104 -13.81 -25.45 -8.25
C PRO B 104 -14.31 -26.21 -7.02
N ALA B 105 -13.63 -27.28 -6.63
CA ALA B 105 -13.98 -28.04 -5.44
C ALA B 105 -13.18 -27.63 -4.21
N SER B 106 -12.33 -26.60 -4.33
CA SER B 106 -11.62 -26.07 -3.18
C SER B 106 -12.56 -25.74 -2.02
N SER B 107 -13.81 -25.40 -2.33
CA SER B 107 -14.82 -25.13 -1.30
C SER B 107 -14.95 -26.24 -0.27
N ILE B 108 -14.51 -27.46 -0.58
CA ILE B 108 -14.50 -28.54 0.41
C ILE B 108 -13.75 -28.12 1.67
N ASN B 109 -12.74 -27.27 1.52
CA ASN B 109 -12.00 -26.73 2.66
C ASN B 109 -12.69 -25.44 3.10
N PRO B 110 -13.40 -25.44 4.23
CA PRO B 110 -14.16 -24.23 4.63
C PRO B 110 -13.29 -22.98 4.70
N ASP B 111 -11.98 -23.14 4.70
CA ASP B 111 -11.05 -22.02 4.86
C ASP B 111 -10.31 -21.74 3.55
N HIS B 112 -10.79 -22.30 2.43
CA HIS B 112 -10.04 -22.29 1.18
C HIS B 112 -9.89 -20.88 0.63
N LEU B 113 -10.95 -20.07 0.70
CA LEU B 113 -10.89 -18.71 0.18
C LEU B 113 -9.73 -17.94 0.80
N THR B 114 -9.54 -18.09 2.11
CA THR B 114 -8.39 -17.50 2.78
C THR B 114 -7.08 -18.08 2.24
N TYR B 115 -7.03 -19.40 2.05
CA TYR B 115 -5.86 -20.00 1.43
C TYR B 115 -5.55 -19.36 0.08
N PHE B 116 -6.60 -18.95 -0.66
CA PHE B 116 -6.36 -18.26 -1.92
C PHE B 116 -5.86 -16.85 -1.69
N ARG B 117 -6.50 -16.13 -0.76
CA ARG B 117 -5.96 -14.87 -0.27
C ARG B 117 -4.50 -15.04 0.16
N PHE B 118 -4.23 -16.10 0.93
CA PHE B 118 -2.88 -16.43 1.36
C PHE B 118 -1.89 -16.49 0.20
N ILE B 119 -2.21 -17.24 -0.85
CA ILE B 119 -1.25 -17.44 -1.94
C ILE B 119 -1.00 -16.12 -2.67
N GLY B 120 -2.04 -15.30 -2.81
CA GLY B 120 -1.85 -13.97 -3.37
C GLY B 120 -0.77 -13.17 -2.67
N ARG B 121 -0.88 -13.05 -1.34
CA ARG B 121 0.18 -12.42 -0.56
C ARG B 121 1.54 -13.02 -0.88
N PHE B 122 1.59 -14.34 -1.08
CA PHE B 122 2.85 -15.03 -1.32
C PHE B 122 3.44 -14.63 -2.67
N ILE B 123 2.61 -14.68 -3.74
CA ILE B 123 3.07 -14.25 -5.07
C ILE B 123 3.59 -12.82 -5.02
N ALA B 124 2.83 -11.92 -4.40
CA ALA B 124 3.27 -10.55 -4.22
C ALA B 124 4.61 -10.49 -3.52
N MET B 125 4.75 -11.24 -2.42
CA MET B 125 6.04 -11.38 -1.74
C MET B 125 7.11 -11.84 -2.71
N ALA B 126 6.83 -12.89 -3.47
CA ALA B 126 7.80 -13.42 -4.42
C ALA B 126 8.13 -12.43 -5.54
N LEU B 127 7.28 -11.44 -5.77
N LEU B 127 7.28 -11.44 -5.78
CA LEU B 127 7.47 -10.47 -6.84
CA LEU B 127 7.49 -10.48 -6.85
C LEU B 127 8.08 -9.18 -6.36
C LEU B 127 8.12 -9.19 -6.34
N TYR B 128 7.76 -8.74 -5.13
CA TYR B 128 8.32 -7.51 -4.60
C TYR B 128 9.80 -7.65 -4.31
N HIS B 129 10.23 -8.82 -3.83
CA HIS B 129 11.64 -9.08 -3.60
C HIS B 129 12.31 -9.77 -4.78
N GLY B 130 11.70 -9.72 -5.97
CA GLY B 130 12.28 -10.33 -7.15
C GLY B 130 12.80 -11.73 -6.91
N LYS B 131 11.97 -12.59 -6.33
CA LYS B 131 12.35 -13.97 -6.04
C LYS B 131 11.60 -14.91 -6.98
N PHE B 132 12.05 -16.16 -7.00
CA PHE B 132 11.64 -17.05 -8.08
C PHE B 132 10.83 -18.22 -7.53
N ILE B 133 9.98 -18.77 -8.40
CA ILE B 133 9.03 -19.81 -8.04
C ILE B 133 9.00 -20.86 -9.16
N ASP B 134 8.25 -21.93 -8.94
CA ASP B 134 7.98 -22.92 -9.96
C ASP B 134 6.60 -23.53 -9.70
N THR B 135 5.57 -22.68 -9.67
CA THR B 135 4.20 -23.18 -9.62
C THR B 135 3.61 -23.28 -11.02
N GLY B 136 3.89 -22.28 -11.86
CA GLY B 136 3.53 -22.36 -13.26
C GLY B 136 2.06 -22.20 -13.54
N PHE B 137 1.49 -21.05 -13.22
CA PHE B 137 0.09 -20.84 -13.53
C PHE B 137 -0.08 -20.72 -15.05
N THR B 138 -1.28 -21.00 -15.53
CA THR B 138 -1.55 -20.81 -16.94
C THR B 138 -1.52 -19.33 -17.31
N LEU B 139 -1.27 -19.07 -18.59
CA LEU B 139 -1.27 -17.69 -19.07
C LEU B 139 -2.63 -17.01 -18.92
N PRO B 140 -3.78 -17.66 -19.16
CA PRO B 140 -5.06 -16.99 -18.84
C PRO B 140 -5.17 -16.54 -17.40
N PHE B 141 -4.66 -17.35 -16.46
CA PHE B 141 -4.55 -16.91 -15.06
C PHE B 141 -3.85 -15.56 -14.95
N TYR B 142 -2.67 -15.45 -15.59
CA TYR B 142 -1.95 -14.18 -15.59
C TYR B 142 -2.75 -13.10 -16.29
N LYS B 143 -3.48 -13.46 -17.34
CA LYS B 143 -4.33 -12.48 -18.05
C LYS B 143 -5.35 -11.87 -17.10
N ARG B 144 -5.93 -12.68 -16.21
CA ARG B 144 -6.85 -12.14 -15.21
C ARG B 144 -6.13 -11.21 -14.24
N MET B 145 -4.86 -11.50 -13.94
CA MET B 145 -4.07 -10.59 -13.12
C MET B 145 -3.82 -9.27 -13.84
N LEU B 146 -3.81 -9.29 -15.17
CA LEU B 146 -3.65 -8.09 -15.98
C LEU B 146 -4.98 -7.52 -16.44
N ASN B 147 -6.09 -8.05 -15.91
CA ASN B 147 -7.46 -7.82 -16.38
C ASN B 147 -7.56 -7.60 -17.88
N LYS B 148 -7.16 -8.61 -18.64
CA LYS B 148 -7.47 -8.72 -20.06
C LYS B 148 -8.56 -9.77 -20.21
N ARG B 149 -9.46 -9.58 -21.20
CA ARG B 149 -10.31 -10.75 -21.38
C ARG B 149 -9.55 -11.84 -22.12
N PRO B 150 -9.71 -13.10 -21.71
CA PRO B 150 -8.97 -14.19 -22.35
C PRO B 150 -9.55 -14.49 -23.72
N THR B 151 -8.66 -14.77 -24.67
CA THR B 151 -9.06 -14.89 -26.06
C THR B 151 -9.52 -16.30 -26.38
N LEU B 152 -9.99 -16.47 -27.62
CA LEU B 152 -10.42 -17.78 -28.10
C LEU B 152 -9.22 -18.71 -28.26
N LYS B 153 -8.10 -18.17 -28.78
CA LYS B 153 -6.85 -18.91 -28.85
C LYS B 153 -6.49 -19.54 -27.52
N ASP B 154 -6.77 -18.84 -26.41
CA ASP B 154 -6.49 -19.39 -25.09
C ASP B 154 -7.30 -20.65 -24.81
N LEU B 155 -8.57 -20.68 -25.23
CA LEU B 155 -9.36 -21.90 -25.06
C LEU B 155 -8.72 -23.10 -25.74
N GLU B 156 -8.07 -22.89 -26.88
CA GLU B 156 -7.30 -23.98 -27.50
C GLU B 156 -6.30 -24.56 -26.52
N SER B 157 -5.65 -23.69 -25.73
CA SER B 157 -4.67 -24.15 -24.77
C SER B 157 -5.31 -24.96 -23.64
N ILE B 158 -6.45 -24.50 -23.13
CA ILE B 158 -6.99 -25.04 -21.89
C ILE B 158 -8.03 -26.14 -22.15
N ASP B 159 -8.92 -25.95 -23.13
CA ASP B 159 -9.98 -26.91 -23.39
C ASP B 159 -10.15 -27.03 -24.90
N PRO B 160 -9.38 -27.91 -25.54
CA PRO B 160 -9.44 -27.99 -27.01
C PRO B 160 -10.80 -28.35 -27.58
N GLU B 161 -11.46 -29.37 -27.01
CA GLU B 161 -12.73 -29.83 -27.57
C GLU B 161 -13.78 -28.74 -27.51
N PHE B 162 -13.73 -27.90 -26.47
CA PHE B 162 -14.63 -26.76 -26.38
C PHE B 162 -14.21 -25.68 -27.37
N TYR B 163 -12.89 -25.48 -27.52
CA TYR B 163 -12.35 -24.58 -28.53
C TYR B 163 -12.81 -24.97 -29.93
N ASN B 164 -12.58 -26.23 -30.32
CA ASN B 164 -12.91 -26.69 -31.66
C ASN B 164 -14.41 -26.66 -31.91
N SER B 165 -15.22 -26.70 -30.85
CA SER B 165 -16.63 -26.40 -30.98
C SER B 165 -16.80 -24.96 -31.47
N ILE B 166 -16.29 -23.99 -30.70
CA ILE B 166 -16.56 -22.58 -30.98
C ILE B 166 -15.98 -22.17 -32.33
N VAL B 167 -14.81 -22.73 -32.70
CA VAL B 167 -14.24 -22.44 -34.01
C VAL B 167 -15.20 -22.85 -35.12
N TRP B 168 -15.87 -24.00 -34.96
CA TRP B 168 -16.81 -24.46 -35.98
C TRP B 168 -17.95 -23.48 -36.16
N ILE B 169 -18.52 -22.96 -35.06
CA ILE B 169 -19.60 -21.99 -35.20
C ILE B 169 -19.12 -20.75 -35.95
N LYS B 170 -17.89 -20.30 -35.67
CA LYS B 170 -17.41 -19.08 -36.33
C LYS B 170 -16.99 -19.32 -37.78
N GLU B 171 -16.43 -20.49 -38.09
CA GLU B 171 -15.88 -20.71 -39.43
C GLU B 171 -16.96 -21.25 -40.36
N ASN B 172 -17.61 -22.33 -39.98
CA ASN B 172 -18.84 -22.71 -40.65
C ASN B 172 -19.91 -21.69 -40.27
N ASN B 173 -19.79 -20.49 -40.85
CA ASN B 173 -20.66 -19.35 -40.58
C ASN B 173 -22.13 -19.71 -40.40
N LEU B 181 -29.10 -22.14 -31.53
CA LEU B 181 -28.71 -21.95 -30.14
C LEU B 181 -29.38 -20.70 -29.56
N TYR B 182 -29.41 -20.60 -28.23
CA TYR B 182 -29.91 -19.42 -27.55
C TYR B 182 -28.88 -18.95 -26.53
N PHE B 183 -29.03 -17.70 -26.09
CA PHE B 183 -28.04 -17.08 -25.18
C PHE B 183 -28.25 -17.61 -23.77
N ILE B 184 -27.92 -18.89 -23.61
CA ILE B 184 -27.90 -19.57 -22.33
C ILE B 184 -26.66 -20.44 -22.26
N GLN B 185 -26.25 -20.73 -21.06
CA GLN B 185 -25.15 -21.66 -20.87
C GLN B 185 -25.47 -22.26 -19.52
N ASP B 186 -26.55 -23.05 -19.53
CA ASP B 186 -26.98 -23.78 -18.33
C ASP B 186 -25.88 -24.72 -17.86
N MET B 187 -25.62 -24.69 -16.55
CA MET B 187 -24.53 -25.45 -15.95
C MET B 187 -25.09 -26.00 -14.64
N GLU B 188 -25.36 -27.30 -14.63
CA GLU B 188 -25.72 -27.93 -13.37
C GLU B 188 -24.55 -27.75 -12.43
N ILE B 189 -24.73 -27.00 -11.34
CA ILE B 189 -23.58 -26.80 -10.47
C ILE B 189 -23.65 -27.87 -9.39
N LEU B 190 -23.36 -29.09 -9.84
CA LEU B 190 -23.22 -30.28 -9.01
C LEU B 190 -24.41 -30.46 -8.07
N GLY B 191 -25.59 -30.54 -8.68
CA GLY B 191 -26.85 -30.73 -7.96
C GLY B 191 -28.13 -30.33 -8.68
N LYS B 192 -28.43 -29.03 -8.73
CA LYS B 192 -29.57 -28.50 -9.49
C LYS B 192 -29.25 -28.50 -10.98
N VAL B 193 -30.29 -28.42 -11.81
CA VAL B 193 -30.11 -28.26 -13.26
C VAL B 193 -30.67 -26.91 -13.72
N THR B 194 -29.79 -25.89 -13.77
CA THR B 194 -30.23 -24.51 -14.04
C THR B 194 -30.21 -24.09 -15.50
N THR B 195 -30.31 -22.78 -15.73
CA THR B 195 -30.16 -22.20 -17.08
C THR B 195 -29.63 -20.77 -16.87
N HIS B 196 -28.30 -20.62 -16.97
CA HIS B 196 -27.70 -19.32 -16.76
C HIS B 196 -27.86 -18.48 -18.02
N GLU B 197 -28.52 -17.35 -17.86
CA GLU B 197 -28.69 -16.38 -18.94
C GLU B 197 -27.36 -15.65 -19.21
N LEU B 198 -26.80 -15.85 -20.39
CA LEU B 198 -25.58 -15.13 -20.75
C LEU B 198 -25.83 -13.63 -20.79
N LYS B 199 -27.05 -13.22 -21.12
CA LYS B 199 -27.50 -11.83 -21.02
C LYS B 199 -28.94 -11.86 -20.53
N GLU B 200 -29.52 -10.68 -20.33
CA GLU B 200 -30.92 -10.62 -19.91
C GLU B 200 -31.81 -11.14 -21.03
N GLY B 201 -32.83 -11.92 -20.64
CA GLY B 201 -33.68 -12.56 -21.63
C GLY B 201 -32.95 -13.56 -22.49
N GLY B 202 -31.83 -14.11 -22.01
CA GLY B 202 -30.96 -14.89 -22.87
C GLY B 202 -31.60 -16.16 -23.43
N GLU B 203 -32.52 -16.76 -22.68
CA GLU B 203 -33.16 -17.98 -23.19
C GLU B 203 -34.03 -17.68 -24.40
N SER B 204 -34.56 -16.46 -24.51
CA SER B 204 -35.46 -16.13 -25.61
C SER B 204 -34.71 -15.75 -26.87
N ILE B 205 -33.56 -15.11 -26.74
CA ILE B 205 -32.82 -14.62 -27.90
C ILE B 205 -32.07 -15.78 -28.54
N ARG B 206 -32.27 -15.97 -29.85
CA ARG B 206 -31.61 -17.02 -30.59
C ARG B 206 -30.32 -16.49 -31.21
N VAL B 207 -29.37 -17.39 -31.43
CA VAL B 207 -28.12 -17.02 -32.08
C VAL B 207 -28.37 -16.92 -33.58
N THR B 208 -28.01 -15.78 -34.16
CA THR B 208 -28.09 -15.54 -35.59
C THR B 208 -26.70 -15.19 -36.11
N GLU B 209 -26.60 -15.10 -37.44
CA GLU B 209 -25.32 -14.77 -38.08
C GLU B 209 -24.77 -13.45 -37.55
N GLU B 210 -25.63 -12.49 -37.28
CA GLU B 210 -25.17 -11.22 -36.74
C GLU B 210 -24.89 -11.35 -35.24
N ASN B 211 -25.62 -12.24 -34.58
CA ASN B 211 -25.53 -12.48 -33.15
C ASN B 211 -24.36 -13.37 -32.76
N LYS B 212 -23.84 -14.18 -33.68
CA LYS B 212 -22.75 -15.12 -33.37
C LYS B 212 -21.54 -14.42 -32.76
N GLU B 213 -21.16 -13.26 -33.31
CA GLU B 213 -20.03 -12.50 -32.79
C GLU B 213 -20.14 -12.26 -31.29
N GLU B 214 -21.31 -11.83 -30.82
CA GLU B 214 -21.53 -11.66 -29.40
C GLU B 214 -21.53 -12.98 -28.65
N TYR B 215 -22.18 -14.01 -29.22
CA TYR B 215 -22.32 -15.29 -28.52
C TYR B 215 -20.96 -15.85 -28.09
N ILE B 216 -19.93 -15.66 -28.93
CA ILE B 216 -18.60 -16.18 -28.62
C ILE B 216 -18.07 -15.60 -27.32
N MET B 217 -18.25 -14.29 -27.12
CA MET B 217 -17.73 -13.62 -25.93
C MET B 217 -18.22 -14.28 -24.64
N LEU B 218 -19.54 -14.28 -24.43
CA LEU B 218 -20.10 -14.84 -23.20
C LEU B 218 -19.58 -16.26 -22.94
N LEU B 219 -19.58 -17.10 -23.97
CA LEU B 219 -19.06 -18.45 -23.83
C LEU B 219 -17.57 -18.46 -23.51
N THR B 220 -16.78 -17.78 -24.34
CA THR B 220 -15.34 -17.68 -24.11
C THR B 220 -15.02 -17.25 -22.68
N ASP B 221 -15.71 -16.20 -22.21
CA ASP B 221 -15.46 -15.72 -20.85
C ASP B 221 -16.04 -16.66 -19.80
N TRP B 222 -17.25 -17.18 -20.04
CA TRP B 222 -17.88 -18.05 -19.06
C TRP B 222 -17.01 -19.27 -18.77
N ARG B 223 -16.50 -19.91 -19.83
CA ARG B 223 -15.64 -21.09 -19.68
C ARG B 223 -14.46 -20.81 -18.76
N PHE B 224 -13.88 -19.61 -18.86
CA PHE B 224 -12.74 -19.27 -18.01
C PHE B 224 -13.18 -18.95 -16.59
N THR B 225 -14.21 -18.12 -16.44
CA THR B 225 -14.64 -17.61 -15.14
C THR B 225 -15.80 -18.40 -14.54
N ARG B 226 -15.96 -19.68 -14.87
CA ARG B 226 -17.05 -20.47 -14.32
C ARG B 226 -16.61 -21.11 -13.01
N GLY B 227 -17.43 -20.93 -11.98
CA GLY B 227 -17.20 -21.52 -10.68
C GLY B 227 -15.84 -21.28 -10.06
N VAL B 228 -15.12 -20.27 -10.55
CA VAL B 228 -13.79 -19.95 -10.03
C VAL B 228 -13.62 -18.45 -9.92
N GLU B 229 -14.71 -17.69 -10.10
CA GLU B 229 -14.61 -16.24 -10.07
C GLU B 229 -14.28 -15.72 -8.67
N GLU B 230 -14.68 -16.44 -7.63
CA GLU B 230 -14.59 -15.94 -6.26
C GLU B 230 -13.32 -16.39 -5.55
N GLN B 231 -12.89 -17.64 -5.74
CA GLN B 231 -11.50 -17.99 -5.41
C GLN B 231 -10.53 -17.02 -6.06
N THR B 232 -10.79 -16.66 -7.32
CA THR B 232 -9.97 -15.67 -8.03
C THR B 232 -10.06 -14.31 -7.34
N LYS B 233 -11.28 -13.85 -7.06
CA LYS B 233 -11.46 -12.58 -6.37
C LYS B 233 -10.73 -12.58 -5.03
N ALA B 234 -10.68 -13.74 -4.36
CA ALA B 234 -9.95 -13.83 -3.10
C ALA B 234 -8.44 -13.78 -3.31
N PHE B 235 -7.92 -14.62 -4.21
CA PHE B 235 -6.50 -14.58 -4.54
C PHE B 235 -6.06 -13.18 -4.95
N LEU B 236 -6.80 -12.57 -5.89
CA LEU B 236 -6.40 -11.29 -6.44
C LEU B 236 -6.30 -10.22 -5.36
N ASP B 237 -7.23 -10.21 -4.42
N ASP B 237 -7.25 -10.21 -4.42
CA ASP B 237 -7.15 -9.22 -3.34
CA ASP B 237 -7.19 -9.25 -3.32
C ASP B 237 -6.02 -9.56 -2.37
C ASP B 237 -6.02 -9.56 -2.37
N GLY B 238 -5.66 -10.83 -2.25
CA GLY B 238 -4.54 -11.18 -1.37
C GLY B 238 -3.21 -10.68 -1.90
N PHE B 239 -2.97 -10.85 -3.20
CA PHE B 239 -1.81 -10.23 -3.85
C PHE B 239 -1.92 -8.72 -3.76
N ASN B 240 -3.14 -8.20 -4.00
CA ASN B 240 -3.39 -6.77 -3.93
C ASN B 240 -3.03 -6.20 -2.56
N GLU B 241 -3.32 -6.92 -1.47
CA GLU B 241 -3.02 -6.42 -0.13
C GLU B 241 -1.56 -6.06 0.08
N VAL B 242 -0.64 -6.66 -0.67
CA VAL B 242 0.78 -6.39 -0.49
C VAL B 242 1.27 -5.36 -1.50
N ALA B 243 0.98 -5.58 -2.78
CA ALA B 243 1.36 -4.66 -3.84
C ALA B 243 0.15 -4.52 -4.75
N PRO B 244 -0.28 -3.31 -5.07
CA PRO B 244 -1.39 -3.15 -6.03
C PRO B 244 -1.05 -3.84 -7.34
N LEU B 245 -1.99 -4.66 -7.81
CA LEU B 245 -1.81 -5.33 -9.10
C LEU B 245 -1.63 -4.35 -10.24
N GLU B 246 -2.21 -3.16 -10.12
CA GLU B 246 -2.07 -2.13 -11.14
C GLU B 246 -0.60 -1.77 -11.39
N TRP B 247 0.31 -2.13 -10.46
CA TRP B 247 1.72 -1.87 -10.66
C TRP B 247 2.29 -2.59 -11.87
N LEU B 248 1.75 -3.78 -12.16
CA LEU B 248 2.22 -4.64 -13.24
C LEU B 248 1.24 -4.71 -14.40
N ARG B 249 0.40 -3.69 -14.54
CA ARG B 249 -0.61 -3.60 -15.59
C ARG B 249 0.01 -3.43 -16.96
N TYR B 250 1.26 -2.96 -17.03
CA TYR B 250 1.92 -2.64 -18.29
C TYR B 250 2.54 -3.86 -18.96
N PHE B 251 2.72 -4.94 -18.24
CA PHE B 251 3.30 -6.17 -18.78
C PHE B 251 2.23 -6.96 -19.52
N ASP B 252 2.64 -8.00 -20.24
CA ASP B 252 1.69 -8.92 -20.85
C ASP B 252 1.84 -10.30 -20.20
N GLU B 253 1.00 -11.25 -20.64
CA GLU B 253 0.91 -12.54 -19.95
C GLU B 253 2.26 -13.26 -19.92
N LYS B 254 2.94 -13.35 -21.07
CA LYS B 254 4.17 -14.15 -21.13
C LYS B 254 5.30 -13.44 -20.41
N GLU B 255 5.35 -12.10 -20.50
CA GLU B 255 6.30 -11.34 -19.69
C GLU B 255 6.13 -11.64 -18.21
N LEU B 256 4.87 -11.71 -17.75
CA LEU B 256 4.61 -11.88 -16.32
C LEU B 256 5.15 -13.22 -15.81
N GLU B 257 4.88 -14.31 -16.54
CA GLU B 257 5.42 -15.59 -16.13
C GLU B 257 6.94 -15.54 -16.07
N LEU B 258 7.56 -14.80 -17.00
CA LEU B 258 9.01 -14.63 -16.97
C LEU B 258 9.47 -13.80 -15.80
N MET B 259 8.62 -12.86 -15.34
CA MET B 259 8.91 -12.12 -14.12
C MET B 259 8.97 -13.07 -12.93
N LEU B 260 8.02 -14.00 -12.85
CA LEU B 260 7.89 -14.85 -11.67
C LEU B 260 8.81 -16.06 -11.71
N CYS B 261 9.03 -16.63 -12.90
CA CYS B 261 9.81 -17.86 -13.02
C CYS B 261 11.28 -17.65 -13.37
N GLY B 262 11.62 -16.54 -14.01
CA GLY B 262 13.02 -16.27 -14.32
C GLY B 262 13.50 -16.97 -15.57
N MET B 263 14.62 -16.46 -16.08
CA MET B 263 15.23 -16.87 -17.33
C MET B 263 16.45 -17.75 -17.10
N GLN B 264 16.65 -18.72 -17.97
CA GLN B 264 17.82 -19.56 -18.00
C GLN B 264 18.53 -19.46 -19.35
N GLU B 265 19.70 -20.07 -19.42
CA GLU B 265 20.31 -20.37 -20.71
C GLU B 265 19.51 -21.47 -21.40
N ILE B 266 19.32 -21.32 -22.71
CA ILE B 266 18.55 -22.29 -23.49
C ILE B 266 19.54 -23.21 -24.20
N ASP B 267 19.33 -24.51 -24.02
CA ASP B 267 20.18 -25.51 -24.66
C ASP B 267 19.84 -25.54 -26.15
N MET B 268 20.55 -24.71 -26.93
CA MET B 268 20.33 -24.66 -28.37
C MET B 268 20.42 -26.05 -28.99
N SER B 269 21.33 -26.90 -28.47
CA SER B 269 21.42 -28.27 -28.95
C SER B 269 20.12 -29.04 -28.69
N ASP B 270 19.73 -29.17 -27.41
CA ASP B 270 18.56 -29.96 -27.05
C ASP B 270 17.31 -29.51 -27.80
N TRP B 271 17.17 -28.20 -28.02
CA TRP B 271 16.04 -27.69 -28.78
C TRP B 271 16.05 -28.23 -30.21
N GLN B 272 17.14 -27.96 -30.94
CA GLN B 272 17.28 -28.49 -32.29
C GLN B 272 17.23 -30.02 -32.31
N LYS B 273 17.78 -30.66 -31.29
CA LYS B 273 17.90 -32.12 -31.23
C LYS B 273 16.61 -32.83 -30.84
N SER B 274 15.60 -32.11 -30.34
CA SER B 274 14.33 -32.71 -29.94
C SER B 274 13.17 -32.11 -30.71
N THR B 275 13.43 -31.59 -31.91
CA THR B 275 12.41 -31.02 -32.77
C THR B 275 11.95 -32.05 -33.80
N ILE B 276 10.63 -32.26 -33.88
CA ILE B 276 10.02 -33.13 -34.88
C ILE B 276 9.27 -32.25 -35.86
N TYR B 277 8.99 -32.83 -37.03
CA TYR B 277 8.44 -32.07 -38.14
C TYR B 277 7.24 -32.80 -38.73
N ARG B 278 6.39 -32.02 -39.40
CA ARG B 278 5.30 -32.57 -40.20
C ARG B 278 5.33 -31.85 -41.54
N HIS B 279 5.24 -32.61 -42.62
CA HIS B 279 5.45 -32.13 -43.99
C HIS B 279 6.87 -31.63 -44.21
N TYR B 280 7.40 -30.85 -43.27
CA TYR B 280 8.78 -30.40 -43.34
C TYR B 280 9.75 -31.51 -42.92
N THR B 281 11.03 -31.32 -43.26
CA THR B 281 12.14 -32.11 -42.76
C THR B 281 13.27 -31.16 -42.38
N LYS B 282 14.35 -31.73 -41.84
CA LYS B 282 15.43 -30.91 -41.28
C LYS B 282 16.14 -30.07 -42.33
N ASN B 283 16.17 -30.52 -43.59
CA ASN B 283 16.91 -29.80 -44.62
C ASN B 283 16.06 -28.84 -45.45
N SER B 284 14.83 -28.56 -45.02
CA SER B 284 13.98 -27.69 -45.82
C SER B 284 14.50 -26.26 -45.78
N LYS B 285 14.14 -25.47 -46.79
CA LYS B 285 14.56 -24.07 -46.84
C LYS B 285 14.09 -23.32 -45.61
N GLN B 286 12.81 -23.46 -45.28
CA GLN B 286 12.23 -22.79 -44.13
C GLN B 286 12.89 -23.25 -42.83
N ILE B 287 13.18 -24.55 -42.71
CA ILE B 287 13.74 -25.07 -41.46
C ILE B 287 15.18 -24.61 -41.29
N GLN B 288 16.00 -24.75 -42.34
CA GLN B 288 17.37 -24.25 -42.28
C GLN B 288 17.43 -22.76 -42.01
N TRP B 289 16.41 -22.01 -42.48
CA TRP B 289 16.34 -20.58 -42.18
C TRP B 289 15.92 -20.34 -40.74
N PHE B 290 15.00 -21.15 -40.24
CA PHE B 290 14.45 -20.96 -38.90
C PHE B 290 15.55 -21.02 -37.84
N TRP B 291 16.39 -22.06 -37.91
CA TRP B 291 17.45 -22.20 -36.91
C TRP B 291 18.56 -21.15 -37.08
N GLN B 292 18.73 -20.58 -38.27
CA GLN B 292 19.54 -19.39 -38.41
C GLN B 292 19.00 -18.26 -37.53
N VAL B 293 17.69 -18.07 -37.54
CA VAL B 293 17.08 -17.01 -36.74
C VAL B 293 17.18 -17.34 -35.26
N VAL B 294 16.94 -18.61 -34.89
CA VAL B 294 17.02 -18.99 -33.48
C VAL B 294 18.46 -18.91 -32.99
N LYS B 295 19.44 -19.02 -33.89
CA LYS B 295 20.82 -18.79 -33.52
C LYS B 295 21.10 -17.30 -33.38
N GLU B 296 20.57 -16.50 -34.32
CA GLU B 296 20.72 -15.05 -34.28
C GLU B 296 20.02 -14.46 -33.05
N MET B 297 18.89 -15.05 -32.66
CA MET B 297 18.08 -14.52 -31.57
C MET B 297 18.86 -14.43 -30.28
N ASP B 298 18.62 -13.35 -29.53
CA ASP B 298 19.13 -13.30 -28.17
C ASP B 298 18.33 -14.26 -27.29
N ASN B 299 18.92 -14.62 -26.15
CA ASN B 299 18.23 -15.56 -25.26
C ASN B 299 16.90 -14.98 -24.77
N GLU B 300 16.78 -13.65 -24.76
CA GLU B 300 15.53 -13.03 -24.34
C GLU B 300 14.38 -13.46 -25.24
N LYS B 301 14.61 -13.47 -26.55
CA LYS B 301 13.56 -13.82 -27.49
C LYS B 301 13.35 -15.33 -27.56
N ARG B 302 14.45 -16.09 -27.48
CA ARG B 302 14.39 -17.54 -27.55
C ARG B 302 13.37 -18.10 -26.56
N ILE B 303 13.35 -17.56 -25.34
CA ILE B 303 12.33 -17.94 -24.35
C ILE B 303 10.95 -17.49 -24.80
N ARG B 304 10.85 -16.25 -25.27
CA ARG B 304 9.59 -15.72 -25.78
C ARG B 304 9.00 -16.62 -26.85
N LEU B 305 9.84 -17.19 -27.71
CA LEU B 305 9.39 -18.19 -28.68
C LEU B 305 8.82 -19.41 -27.99
N LEU B 306 9.60 -20.04 -27.09
CA LEU B 306 9.13 -21.21 -26.35
C LEU B 306 7.79 -20.95 -25.66
N GLN B 307 7.65 -19.77 -25.06
CA GLN B 307 6.36 -19.39 -24.47
C GLN B 307 5.28 -19.32 -25.55
N PHE B 308 5.62 -18.70 -26.70
CA PHE B 308 4.66 -18.56 -27.79
C PHE B 308 4.15 -19.92 -28.27
N VAL B 309 5.03 -20.91 -28.34
CA VAL B 309 4.70 -22.18 -28.97
C VAL B 309 4.15 -23.18 -27.97
N THR B 310 4.85 -23.41 -26.85
CA THR B 310 4.40 -24.41 -25.89
C THR B 310 3.32 -23.88 -24.95
N GLY B 311 3.32 -22.57 -24.69
CA GLY B 311 2.41 -21.99 -23.72
C GLY B 311 2.94 -21.91 -22.31
N THR B 312 4.26 -22.04 -22.11
CA THR B 312 4.88 -21.98 -20.79
C THR B 312 6.38 -21.81 -20.90
N CYS B 313 6.95 -20.92 -20.08
CA CYS B 313 8.40 -20.73 -20.05
C CYS B 313 9.11 -21.84 -19.29
N ARG B 314 8.39 -22.60 -18.47
CA ARG B 314 9.01 -23.66 -17.69
C ARG B 314 9.52 -24.76 -18.62
N LEU B 315 10.68 -25.29 -18.29
CA LEU B 315 11.22 -26.43 -19.03
C LEU B 315 10.89 -27.73 -18.31
N PRO B 316 10.51 -28.77 -19.03
CA PRO B 316 10.24 -30.06 -18.39
C PRO B 316 11.55 -30.71 -17.93
N VAL B 317 11.40 -31.73 -17.09
CA VAL B 317 12.56 -32.37 -16.49
C VAL B 317 13.46 -32.92 -17.59
N GLY B 318 14.74 -32.54 -17.56
CA GLY B 318 15.73 -33.14 -18.43
C GLY B 318 15.93 -32.44 -19.75
N GLY B 319 15.07 -31.49 -20.10
CA GLY B 319 15.15 -30.79 -21.36
C GLY B 319 13.97 -31.12 -22.26
N PHE B 320 14.10 -30.73 -23.52
CA PHE B 320 13.01 -30.83 -24.49
C PHE B 320 12.51 -32.25 -24.71
N ALA B 321 13.33 -33.27 -24.43
CA ALA B 321 12.91 -34.66 -24.61
C ALA B 321 11.57 -34.93 -23.92
N GLU B 322 11.44 -34.50 -22.67
CA GLU B 322 10.26 -34.81 -21.85
C GLU B 322 9.14 -33.77 -21.99
N LEU B 323 8.94 -33.22 -23.18
CA LEU B 323 7.96 -32.15 -23.36
C LEU B 323 6.55 -32.69 -23.36
N ILE B 324 5.66 -32.00 -22.64
CA ILE B 324 4.30 -32.46 -22.38
C ILE B 324 3.31 -31.51 -23.04
N GLY B 325 2.28 -32.07 -23.67
CA GLY B 325 1.16 -31.29 -24.15
C GLY B 325 -0.17 -31.78 -23.60
N SER B 326 -1.27 -31.28 -24.16
CA SER B 326 -2.59 -31.81 -23.84
C SER B 326 -2.83 -33.09 -24.61
N ASN B 327 -3.40 -34.10 -23.93
CA ASN B 327 -3.59 -35.49 -24.39
C ASN B 327 -2.29 -36.25 -24.24
N GLY B 328 -1.34 -35.72 -23.47
CA GLY B 328 -0.08 -36.37 -23.20
C GLY B 328 1.08 -35.69 -23.89
N PRO B 329 2.23 -36.36 -23.90
CA PRO B 329 3.45 -35.76 -24.46
C PRO B 329 3.34 -35.47 -25.96
N GLN B 330 3.93 -34.35 -26.37
CA GLN B 330 4.05 -34.01 -27.78
C GLN B 330 5.19 -33.01 -27.91
N LYS B 331 6.37 -33.51 -28.25
CA LYS B 331 7.60 -32.74 -28.33
C LYS B 331 7.53 -31.71 -29.46
N PHE B 332 8.52 -30.81 -29.49
CA PHE B 332 8.49 -29.63 -30.33
C PHE B 332 8.30 -30.00 -31.80
N CYS B 333 7.25 -29.42 -32.42
CA CYS B 333 6.76 -29.86 -33.71
C CYS B 333 6.48 -28.65 -34.61
N ILE B 334 6.90 -28.76 -35.88
CA ILE B 334 6.69 -27.72 -36.89
C ILE B 334 5.96 -28.34 -38.08
N ASP B 335 5.21 -27.53 -38.82
CA ASP B 335 4.37 -28.03 -39.89
C ASP B 335 4.27 -27.01 -41.03
N LYS B 336 4.19 -27.53 -42.25
CA LYS B 336 4.11 -26.73 -43.48
C LYS B 336 2.63 -26.44 -43.79
N VAL B 337 2.13 -25.32 -43.27
CA VAL B 337 0.71 -25.00 -43.34
C VAL B 337 0.52 -23.55 -43.79
N GLY B 338 -0.45 -23.32 -44.68
CA GLY B 338 -0.90 -21.97 -44.98
C GLY B 338 -0.22 -21.29 -46.15
N LYS B 339 -0.67 -20.05 -46.38
CA LYS B 339 -0.20 -19.22 -47.48
C LYS B 339 1.08 -18.49 -47.08
N GLU B 340 1.89 -18.16 -48.08
CA GLU B 340 3.05 -17.32 -47.83
C GLU B 340 2.68 -15.86 -47.57
N THR B 341 1.38 -15.56 -47.53
CA THR B 341 0.87 -14.28 -47.06
C THR B 341 0.28 -14.36 -45.64
N TRP B 342 0.47 -15.49 -44.95
CA TRP B 342 -0.10 -15.66 -43.63
C TRP B 342 0.98 -15.52 -42.57
N LEU B 343 0.54 -15.35 -41.34
CA LEU B 343 1.47 -15.32 -40.24
C LEU B 343 1.64 -16.71 -39.64
N PRO B 344 2.78 -17.00 -39.03
CA PRO B 344 2.93 -18.30 -38.34
C PRO B 344 2.16 -18.28 -37.03
N ARG B 345 1.36 -19.33 -36.81
CA ARG B 345 0.56 -19.45 -35.62
C ARG B 345 0.91 -20.76 -34.93
N SER B 346 0.72 -20.78 -33.61
CA SER B 346 1.16 -21.89 -32.78
C SER B 346 -0.05 -22.65 -32.27
N HIS B 347 0.21 -23.86 -31.77
CA HIS B 347 -0.81 -24.69 -31.15
C HIS B 347 -0.24 -25.14 -29.80
N THR B 348 -0.51 -24.33 -28.77
CA THR B 348 0.14 -24.51 -27.47
C THR B 348 -0.36 -25.73 -26.73
N CYS B 349 -1.56 -26.22 -27.02
CA CYS B 349 -2.02 -27.45 -26.41
C CYS B 349 -1.30 -28.68 -26.95
N PHE B 350 -0.89 -28.66 -28.22
CA PHE B 350 -0.14 -29.75 -28.82
C PHE B 350 1.35 -29.43 -28.99
N ASN B 351 1.78 -28.26 -28.53
CA ASN B 351 3.17 -27.80 -28.66
C ASN B 351 3.66 -27.85 -30.11
N ARG B 352 2.89 -27.25 -31.01
CA ARG B 352 3.14 -27.35 -32.45
C ARG B 352 3.07 -25.98 -33.09
N LEU B 353 4.06 -25.68 -33.94
CA LEU B 353 4.13 -24.43 -34.68
C LEU B 353 3.69 -24.66 -36.13
N ASP B 354 2.69 -23.90 -36.57
CA ASP B 354 2.31 -23.85 -37.98
C ASP B 354 3.15 -22.79 -38.68
N LEU B 355 3.94 -23.20 -39.66
CA LEU B 355 4.84 -22.31 -40.39
C LEU B 355 4.61 -22.41 -41.89
N PRO B 356 4.15 -21.35 -42.56
CA PRO B 356 3.91 -21.44 -43.99
C PRO B 356 5.23 -21.47 -44.77
N PRO B 357 5.24 -22.09 -45.94
CA PRO B 357 6.44 -22.06 -46.78
C PRO B 357 6.68 -20.70 -47.43
N TYR B 358 7.52 -19.87 -46.81
CA TYR B 358 7.88 -18.58 -47.37
C TYR B 358 9.07 -18.76 -48.31
N LYS B 359 8.97 -18.17 -49.50
CA LYS B 359 10.00 -18.31 -50.51
C LYS B 359 11.21 -17.41 -50.24
N SER B 360 11.30 -16.79 -49.07
CA SER B 360 12.41 -15.92 -48.73
C SER B 360 12.79 -16.10 -47.28
N TYR B 361 14.09 -16.02 -47.00
CA TYR B 361 14.59 -16.07 -45.63
C TYR B 361 14.22 -14.82 -44.86
N GLU B 362 14.32 -13.65 -45.51
CA GLU B 362 14.08 -12.39 -44.82
C GLU B 362 12.61 -12.19 -44.51
N GLN B 363 11.74 -12.69 -45.38
CA GLN B 363 10.30 -12.63 -45.14
C GLN B 363 9.91 -13.48 -43.94
N LEU B 364 10.42 -14.70 -43.87
CA LEU B 364 10.21 -15.53 -42.68
C LEU B 364 10.72 -14.84 -41.42
N ARG B 365 11.97 -14.38 -41.45
CA ARG B 365 12.55 -13.64 -40.33
C ARG B 365 11.61 -12.55 -39.83
N GLU B 366 11.12 -11.71 -40.75
CA GLU B 366 10.18 -10.65 -40.38
C GLU B 366 8.90 -11.23 -39.77
N LYS B 367 8.15 -11.99 -40.57
CA LYS B 367 6.81 -12.43 -40.17
C LYS B 367 6.84 -13.25 -38.88
N LEU B 368 7.85 -14.10 -38.71
CA LEU B 368 7.98 -14.87 -37.47
C LEU B 368 8.08 -13.95 -36.26
N LEU B 369 9.12 -13.10 -36.24
CA LEU B 369 9.37 -12.23 -35.11
C LEU B 369 8.15 -11.40 -34.73
N TYR B 370 7.36 -10.96 -35.73
CA TYR B 370 6.12 -10.26 -35.42
C TYR B 370 5.13 -11.17 -34.71
N ALA B 371 4.93 -12.39 -35.22
CA ALA B 371 4.05 -13.35 -34.56
C ALA B 371 4.50 -13.59 -33.12
N ILE B 372 5.82 -13.70 -32.89
CA ILE B 372 6.34 -13.88 -31.54
C ILE B 372 5.98 -12.69 -30.65
N GLU B 373 6.23 -11.48 -31.15
CA GLU B 373 6.03 -10.28 -30.34
C GLU B 373 4.56 -9.93 -30.16
N GLU B 374 3.82 -9.79 -31.26
CA GLU B 374 2.55 -9.10 -31.23
C GLU B 374 1.34 -10.02 -31.32
N THR B 375 1.55 -11.33 -31.46
CA THR B 375 0.45 -12.30 -31.48
C THR B 375 0.63 -13.30 -30.35
N GLU B 376 -0.31 -14.25 -30.29
CA GLU B 376 -0.31 -15.25 -29.23
C GLU B 376 -0.27 -16.67 -29.79
N PRO C 3 4.26 3.95 -12.55
CA PRO C 3 5.23 4.58 -13.44
C PRO C 3 6.00 5.73 -12.79
N ALA C 4 6.21 6.80 -13.57
CA ALA C 4 6.68 8.07 -13.04
C ALA C 4 5.60 9.14 -13.09
N THR C 5 4.55 8.94 -13.90
CA THR C 5 3.34 9.75 -13.83
C THR C 5 2.84 9.88 -12.39
N ILE C 6 3.18 8.93 -11.53
CA ILE C 6 2.82 9.04 -10.12
C ILE C 6 3.57 10.21 -9.48
N MET C 7 4.90 10.27 -9.65
CA MET C 7 5.65 11.45 -9.24
C MET C 7 5.13 12.68 -9.98
N CYS C 8 4.75 12.52 -11.24
CA CYS C 8 4.12 13.56 -12.04
C CYS C 8 2.64 13.75 -11.70
N ARG C 9 2.31 13.71 -10.41
CA ARG C 9 0.96 13.83 -9.90
C ARG C 9 1.08 14.09 -8.40
N ALA C 10 2.13 13.51 -7.80
CA ALA C 10 2.49 13.88 -6.44
C ALA C 10 2.93 15.34 -6.37
N ALA C 11 3.86 15.73 -7.26
CA ALA C 11 4.28 17.12 -7.33
C ALA C 11 3.08 18.05 -7.50
N ALA C 12 2.15 17.68 -8.39
CA ALA C 12 0.95 18.47 -8.57
C ALA C 12 0.08 18.49 -7.31
N ASP C 13 0.16 17.46 -6.48
CA ASP C 13 -0.60 17.46 -5.23
C ASP C 13 0.00 18.42 -4.22
N THR C 14 1.32 18.57 -4.22
CA THR C 14 1.96 19.51 -3.31
C THR C 14 1.78 20.93 -3.82
N CYS C 15 2.06 21.14 -5.11
CA CYS C 15 1.85 22.45 -5.72
C CYS C 15 0.45 22.99 -5.40
N THR C 16 -0.58 22.16 -5.62
CA THR C 16 -1.93 22.52 -5.24
C THR C 16 -2.06 22.74 -3.74
N PHE C 17 -1.85 21.68 -2.95
CA PHE C 17 -2.20 21.76 -1.53
C PHE C 17 -1.39 22.82 -0.77
N PHE C 18 -0.08 22.90 -1.02
CA PHE C 18 0.78 23.82 -0.27
C PHE C 18 1.53 24.79 -1.18
N PRO D 3 15.62 8.54 -2.66
CA PRO D 3 16.72 9.26 -3.32
C PRO D 3 16.86 8.89 -4.80
N ALA D 4 18.11 8.79 -5.25
CA ALA D 4 18.43 8.21 -6.54
C ALA D 4 19.09 6.84 -6.41
N THR D 5 19.62 6.51 -5.24
CA THR D 5 20.05 5.15 -4.93
C THR D 5 18.98 4.11 -5.25
N ILE D 6 17.71 4.51 -5.30
CA ILE D 6 16.64 3.59 -5.69
C ILE D 6 16.80 3.19 -7.16
N MET D 7 16.92 4.20 -8.04
CA MET D 7 17.27 3.93 -9.43
C MET D 7 18.63 3.23 -9.52
N CYS D 8 19.57 3.60 -8.62
CA CYS D 8 20.86 2.91 -8.48
C CYS D 8 20.73 1.59 -7.71
N ARG D 9 19.67 0.82 -8.01
CA ARG D 9 19.37 -0.44 -7.36
C ARG D 9 18.28 -1.12 -8.16
N ALA D 10 17.39 -0.32 -8.76
CA ALA D 10 16.48 -0.84 -9.78
C ALA D 10 17.24 -1.31 -11.01
N ALA D 11 18.16 -0.47 -11.50
CA ALA D 11 19.03 -0.86 -12.61
C ALA D 11 19.75 -2.16 -12.29
N ALA D 12 20.30 -2.28 -11.07
CA ALA D 12 20.95 -3.51 -10.65
C ALA D 12 19.95 -4.65 -10.55
N ASP D 13 18.68 -4.35 -10.28
CA ASP D 13 17.67 -5.40 -10.27
C ASP D 13 17.38 -5.86 -11.69
N THR D 14 17.42 -4.96 -12.66
CA THR D 14 17.16 -5.42 -14.02
C THR D 14 18.40 -6.02 -14.65
N CYS D 15 19.52 -5.29 -14.62
CA CYS D 15 20.76 -5.80 -15.20
C CYS D 15 21.14 -7.16 -14.61
N THR D 16 21.11 -7.32 -13.28
CA THR D 16 21.39 -8.64 -12.71
C THR D 16 20.36 -9.65 -13.17
N PHE D 17 19.10 -9.50 -12.71
CA PHE D 17 18.09 -10.51 -13.02
C PHE D 17 17.86 -10.63 -14.51
N PHE D 18 17.79 -9.51 -15.22
CA PHE D 18 17.49 -9.53 -16.64
C PHE D 18 18.64 -8.91 -17.40
CA WHL E . 1.88 20.98 -12.76
CB WHL E . 2.15 19.84 -13.51
NB WHL E . 3.15 17.57 -13.69
OB WHL E . -0.19 21.76 -10.28
CG WHL E . 0.71 22.52 -10.09
CD WHL E . 3.28 18.88 -11.63
CE WHL E . 3.01 20.02 -10.88
CH WHL E . 0.47 23.79 -9.27
CC WHL E . 2.85 18.79 -12.94
CF WHL E . 2.30 21.07 -11.45
CJ WHL E . 4.55 17.24 -13.92
CK WHL E . 4.95 15.97 -14.68
NA WHL E . 2.03 22.26 -10.65
OA WHL E . 5.41 17.95 -13.51
CA WHL F . 25.95 -1.95 -11.71
CB WHL F . 25.73 -1.09 -10.64
NB WHL F . 24.58 0.61 -9.39
OB WHL F . 24.34 -4.64 -12.93
CG WHL F . 24.85 -4.32 -13.93
CD WHL F . 23.76 -0.22 -11.69
CE WHL F . 24.01 -1.11 -12.76
CH WHL F . 24.99 -5.41 -15.02
CC WHL F . 24.65 -0.23 -10.60
CF WHL F . 25.09 -1.99 -12.81
CJ WHL F . 25.32 1.87 -9.38
CK WHL F . 25.33 2.78 -8.11
NA WHL F . 25.33 -2.92 -13.95
OA WHL F . 25.92 2.18 -10.36
#